data_7L0K
#
_entry.id   7L0K
#
_cell.length_a   52.117
_cell.length_b   158.335
_cell.length_c   62.767
_cell.angle_alpha   90.000
_cell.angle_beta   107.278
_cell.angle_gamma   90.000
#
_symmetry.space_group_name_H-M   'P 1 21 1'
#
loop_
_entity.id
_entity.type
_entity.pdbx_description
1 polymer 'Dihydroorotate dehydrogenase (quinone), mitochondrial'
2 non-polymer 3-{(1R)-1-[(3-methyl-4-{[6-(trifluoromethyl)pyridin-3-yl]methyl}-1H-pyrrole-2-carbonyl)amino]ethyl}-1H-pyrazole-5-carboxamide
3 non-polymer 'FLAVIN MONONUCLEOTIDE'
4 non-polymer 'OROTIC ACID'
5 water water
#
_entity_poly.entity_id   1
_entity_poly.type   'polypeptide(L)'
_entity_poly.pdbx_seq_one_letter_code
;MGHHHHHHAENLYFQGADPFESYNPEFFLYDIFLKFCLKYIDGEICHDLFLLLGKYNILPYDTSNDSIYACTNIKHLDFI
NPFGVAAGFDKNGVCIDSILKLGFSFIEIGTITPRGQTGNAKPRIFRDVESRSIINSCGFNNMGCDKVTENLILFRKRQE
EDKLLSKHIVGVSIGKNKDTVNIVDDLKYCINKIGRYADYIAINVSSPNTPGLRDNQEAGKLKNIILSVKEEIDNLEKNN
IMNDEFLWFNTTKKKPLVFVKLAPDLNQEQKKEIADVLLETNIDGMIISNTTTQINDIKSFENKKGGVSGAKLKDISTKF
ICEMYNYTNKQIPIIASGGIFSGLDALEKIEAGASVCQLYSCLVFNGMKSAVQIKRELNHLLYQRGYYNLKEAIGRKHSK
S
;
_entity_poly.pdbx_strand_id   A,B
#
loop_
_chem_comp.id
_chem_comp.type
_chem_comp.name
_chem_comp.formula
FMN non-polymer 'FLAVIN MONONUCLEOTIDE' 'C17 H21 N4 O9 P'
ORO non-polymer 'OROTIC ACID' 'C5 H4 N2 O4'
XE7 non-polymer 3-{(1R)-1-[(3-methyl-4-{[6-(trifluoromethyl)pyridin-3-yl]methyl}-1H-pyrrole-2-carbonyl)amino]ethyl}-1H-pyrazole-5-carboxamide 'C19 H19 F3 N6 O2'
#
# COMPACT_ATOMS: atom_id res chain seq x y z
N PRO A 19 -42.56 11.29 12.58
CA PRO A 19 -41.74 10.37 11.76
C PRO A 19 -42.51 9.85 10.53
N PHE A 20 -42.72 10.72 9.55
CA PHE A 20 -43.73 10.51 8.49
C PHE A 20 -43.07 10.17 7.16
N GLU A 21 -43.33 8.95 6.68
CA GLU A 21 -42.92 8.49 5.35
C GLU A 21 -41.46 8.06 5.30
N SER A 22 -41.11 7.32 4.25
CA SER A 22 -39.91 6.49 4.23
C SER A 22 -38.62 7.28 4.41
N TYR A 23 -38.63 8.57 4.06
CA TYR A 23 -37.41 9.36 4.05
C TYR A 23 -37.03 9.90 5.42
N ASN A 24 -37.92 9.81 6.40
CA ASN A 24 -37.66 10.42 7.70
C ASN A 24 -36.72 9.53 8.51
N PRO A 25 -35.62 10.07 9.03
CA PRO A 25 -34.66 9.20 9.73
C PRO A 25 -35.27 8.46 10.92
N GLU A 26 -36.39 8.94 11.47
CA GLU A 26 -37.04 8.32 12.62
C GLU A 26 -38.23 7.44 12.23
N PHE A 27 -38.55 7.33 10.94
CA PHE A 27 -39.57 6.41 10.45
C PHE A 27 -39.44 5.06 11.15
N PHE A 28 -40.58 4.53 11.61
CA PHE A 28 -40.54 3.49 12.64
C PHE A 28 -39.82 2.24 12.16
N LEU A 29 -39.84 1.97 10.86
CA LEU A 29 -39.26 0.73 10.35
C LEU A 29 -37.75 0.65 10.57
N TYR A 30 -37.04 1.78 10.52
CA TYR A 30 -35.58 1.72 10.62
C TYR A 30 -35.15 1.12 11.96
N ASP A 31 -35.86 1.44 13.05
CA ASP A 31 -35.49 0.86 14.34
C ASP A 31 -35.70 -0.65 14.34
N ILE A 32 -36.73 -1.13 13.66
CA ILE A 32 -36.98 -2.56 13.64
C ILE A 32 -35.94 -3.27 12.77
N PHE A 33 -35.63 -2.69 11.61
CA PHE A 33 -34.57 -3.24 10.77
C PHE A 33 -33.24 -3.24 11.50
N LEU A 34 -32.98 -2.21 12.32
CA LEU A 34 -31.68 -2.08 12.96
C LEU A 34 -31.48 -3.13 14.04
N LYS A 35 -32.45 -3.33 14.93
CA LYS A 35 -32.14 -4.25 16.01
C LYS A 35 -32.18 -5.69 15.53
N PHE A 36 -32.98 -5.98 14.49
CA PHE A 36 -32.86 -7.28 13.82
C PHE A 36 -31.46 -7.47 13.26
N CYS A 37 -30.90 -6.42 12.65
CA CYS A 37 -29.53 -6.49 12.13
C CYS A 37 -28.54 -6.73 13.26
N LEU A 38 -28.66 -5.97 14.34
CA LEU A 38 -27.72 -6.10 15.45
C LEU A 38 -27.78 -7.50 16.05
N LYS A 39 -28.97 -8.10 16.10
CA LYS A 39 -29.11 -9.39 16.76
C LYS A 39 -28.62 -10.54 15.88
N TYR A 40 -28.83 -10.44 14.57
CA TYR A 40 -28.66 -11.61 13.71
C TYR A 40 -27.67 -11.46 12.55
N ILE A 41 -27.17 -10.27 12.28
CA ILE A 41 -26.41 -10.02 11.05
C ILE A 41 -24.98 -9.60 11.42
N ASP A 42 -24.03 -10.27 10.79
CA ASP A 42 -22.61 -9.94 10.95
C ASP A 42 -22.36 -8.45 10.73
N GLY A 43 -21.47 -7.89 11.55
CA GLY A 43 -21.23 -6.45 11.50
C GLY A 43 -20.67 -5.98 10.17
N GLU A 44 -19.81 -6.78 9.55
CA GLU A 44 -19.26 -6.36 8.26
C GLU A 44 -20.37 -6.24 7.22
N ILE A 45 -21.37 -7.13 7.29
CA ILE A 45 -22.49 -7.08 6.36
C ILE A 45 -23.37 -5.87 6.64
N CYS A 46 -23.66 -5.62 7.91
CA CYS A 46 -24.45 -4.44 8.27
C CYS A 46 -23.81 -3.17 7.74
N HIS A 47 -22.49 -3.04 7.91
CA HIS A 47 -21.80 -1.82 7.48
C HIS A 47 -21.79 -1.70 5.97
N ASP A 48 -21.59 -2.82 5.27
CA ASP A 48 -21.66 -2.79 3.81
C ASP A 48 -23.07 -2.45 3.34
N LEU A 49 -24.08 -2.95 4.03
CA LEU A 49 -25.44 -2.59 3.67
C LEU A 49 -25.66 -1.09 3.84
N PHE A 50 -25.26 -0.53 4.98
CA PHE A 50 -25.41 0.90 5.21
C PHE A 50 -24.74 1.71 4.09
N LEU A 51 -23.51 1.33 3.73
CA LEU A 51 -22.79 2.03 2.67
C LEU A 51 -23.46 1.84 1.32
N LEU A 52 -24.07 0.68 1.07
CA LEU A 52 -24.78 0.47 -0.19
C LEU A 52 -25.98 1.42 -0.29
N LEU A 53 -26.82 1.43 0.74
CA LEU A 53 -27.93 2.38 0.75
C LEU A 53 -27.41 3.79 0.48
N GLY A 54 -26.30 4.17 1.11
CA GLY A 54 -25.78 5.51 0.92
C GLY A 54 -25.28 5.75 -0.50
N LYS A 55 -24.58 4.77 -1.06
CA LYS A 55 -24.03 4.91 -2.41
C LYS A 55 -25.13 5.17 -3.42
N TYR A 56 -26.30 4.55 -3.23
CA TYR A 56 -27.43 4.73 -4.13
C TYR A 56 -28.40 5.79 -3.65
N ASN A 57 -28.00 6.58 -2.66
CA ASN A 57 -28.76 7.75 -2.18
C ASN A 57 -30.20 7.38 -1.80
N ILE A 58 -30.33 6.28 -1.04
CA ILE A 58 -31.61 5.88 -0.50
C ILE A 58 -31.58 5.78 1.03
N LEU A 59 -30.65 6.45 1.68
CA LEU A 59 -30.80 6.63 3.11
C LEU A 59 -31.84 7.72 3.38
N PRO A 60 -32.52 7.66 4.53
CA PRO A 60 -33.38 8.80 4.90
C PRO A 60 -32.51 10.04 5.10
N TYR A 61 -33.16 11.19 5.11
CA TYR A 61 -32.44 12.44 5.31
C TYR A 61 -33.23 13.33 6.24
N ASP A 62 -32.47 14.14 6.98
CA ASP A 62 -32.99 15.10 7.96
C ASP A 62 -33.37 16.38 7.23
N THR A 63 -34.65 16.72 7.31
CA THR A 63 -35.22 17.90 6.69
C THR A 63 -35.21 19.12 7.61
N SER A 64 -34.69 18.98 8.83
CA SER A 64 -34.72 20.09 9.76
C SER A 64 -33.67 21.13 9.38
N ASN A 65 -33.97 22.39 9.68
CA ASN A 65 -32.94 23.42 9.67
C ASN A 65 -32.43 23.55 11.10
N ASP A 66 -31.12 23.45 11.26
CA ASP A 66 -30.50 23.37 12.57
C ASP A 66 -30.59 24.71 13.30
N SER A 67 -30.69 24.63 14.63
CA SER A 67 -30.71 25.83 15.45
C SER A 67 -29.43 26.64 15.28
N ILE A 68 -29.56 27.94 15.07
CA ILE A 68 -28.37 28.77 14.99
C ILE A 68 -27.65 28.81 16.33
N TYR A 69 -28.35 28.52 17.42
CA TYR A 69 -27.77 28.62 18.76
C TYR A 69 -26.95 27.38 19.13
N ALA A 70 -26.87 26.39 18.24
CA ALA A 70 -26.01 25.23 18.44
C ALA A 70 -24.90 25.12 17.41
N CYS A 71 -24.67 26.17 16.61
CA CYS A 71 -23.52 26.18 15.73
CA CYS A 71 -23.52 26.22 15.73
C CYS A 71 -22.24 26.36 16.54
N THR A 72 -21.12 25.99 15.93
CA THR A 72 -19.83 26.03 16.60
C THR A 72 -18.76 26.20 15.53
N ASN A 73 -17.56 26.57 15.96
CA ASN A 73 -16.46 26.82 15.05
C ASN A 73 -15.14 26.34 15.65
N ILE A 74 -14.23 25.94 14.77
CA ILE A 74 -12.81 25.81 15.09
C ILE A 74 -12.08 26.68 14.07
N LYS A 75 -11.52 27.79 14.56
CA LYS A 75 -10.95 28.82 13.69
C LYS A 75 -11.99 29.13 12.63
N HIS A 76 -11.64 29.16 11.35
CA HIS A 76 -12.58 29.58 10.32
C HIS A 76 -13.54 28.47 9.89
N LEU A 77 -13.46 27.30 10.52
CA LEU A 77 -14.39 26.22 10.23
C LEU A 77 -15.69 26.48 10.98
N ASP A 78 -16.75 26.79 10.24
CA ASP A 78 -18.06 27.09 10.79
C ASP A 78 -18.97 25.87 10.61
N PHE A 79 -19.09 25.07 11.69
CA PHE A 79 -19.94 23.90 11.74
C PHE A 79 -21.40 24.32 11.88
N ILE A 80 -22.27 23.87 10.96
CA ILE A 80 -23.67 24.28 11.04
C ILE A 80 -24.38 23.64 12.24
N ASN A 81 -23.85 22.53 12.76
CA ASN A 81 -24.29 21.93 14.01
C ASN A 81 -23.10 21.21 14.57
N PRO A 82 -23.17 20.73 15.83
CA PRO A 82 -21.95 20.24 16.50
C PRO A 82 -21.63 18.76 16.32
N PHE A 83 -22.28 18.04 15.40
CA PHE A 83 -22.08 16.60 15.30
C PHE A 83 -21.57 16.21 13.92
N GLY A 84 -20.47 15.47 13.91
CA GLY A 84 -19.93 14.89 12.69
C GLY A 84 -19.77 13.39 12.83
N VAL A 85 -19.34 12.77 11.73
CA VAL A 85 -19.07 11.33 11.72
C VAL A 85 -17.56 11.13 11.78
N ALA A 86 -17.14 10.29 12.72
CA ALA A 86 -15.75 10.06 13.01
C ALA A 86 -15.06 9.28 11.89
N ALA A 87 -13.73 9.32 11.91
CA ALA A 87 -12.97 8.59 10.90
C ALA A 87 -13.19 7.09 11.04
N GLY A 88 -12.99 6.38 9.93
CA GLY A 88 -13.14 4.94 9.89
C GLY A 88 -14.52 4.45 9.53
N PHE A 89 -15.49 5.35 9.37
CA PHE A 89 -16.85 4.95 9.07
C PHE A 89 -17.07 4.87 7.56
N ASP A 90 -16.77 5.96 6.86
CA ASP A 90 -16.69 5.99 5.40
C ASP A 90 -15.22 6.17 5.04
N LYS A 91 -14.49 5.04 5.04
CA LYS A 91 -13.04 5.08 4.88
C LYS A 91 -12.62 5.61 3.52
N ASN A 92 -13.38 5.28 2.48
CA ASN A 92 -13.01 5.59 1.10
C ASN A 92 -13.78 6.77 0.53
N GLY A 93 -14.58 7.44 1.34
CA GLY A 93 -15.33 8.59 0.84
C GLY A 93 -16.33 8.23 -0.23
N VAL A 94 -17.06 7.11 -0.06
CA VAL A 94 -17.98 6.66 -1.10
C VAL A 94 -19.44 7.00 -0.81
N CYS A 95 -19.77 7.54 0.34
CA CYS A 95 -21.14 8.04 0.51
C CYS A 95 -21.12 9.20 1.49
N ILE A 96 -20.30 10.20 1.18
CA ILE A 96 -20.24 11.44 1.94
C ILE A 96 -21.60 12.13 1.94
N ASP A 97 -22.19 12.33 0.77
CA ASP A 97 -23.43 13.11 0.67
C ASP A 97 -24.52 12.51 1.54
N SER A 98 -24.76 11.21 1.39
CA SER A 98 -25.88 10.58 2.08
C SER A 98 -25.68 10.59 3.58
N ILE A 99 -24.46 10.33 4.03
CA ILE A 99 -24.20 10.34 5.46
C ILE A 99 -24.43 11.74 6.03
N LEU A 100 -23.92 12.77 5.34
CA LEU A 100 -24.12 14.13 5.84
C LEU A 100 -25.61 14.45 5.92
N LYS A 101 -26.38 14.07 4.91
CA LYS A 101 -27.79 14.42 4.85
C LYS A 101 -28.62 13.70 5.90
N LEU A 102 -28.02 12.79 6.68
CA LEU A 102 -28.70 12.29 7.86
C LEU A 102 -28.83 13.35 8.95
N GLY A 103 -28.11 14.46 8.84
CA GLY A 103 -28.20 15.51 9.83
C GLY A 103 -26.86 15.92 10.41
N PHE A 104 -25.77 15.39 9.86
CA PHE A 104 -24.43 15.70 10.33
C PHE A 104 -23.90 16.95 9.63
N SER A 105 -23.09 17.71 10.36
CA SER A 105 -22.45 18.90 9.81
C SER A 105 -21.11 18.62 9.14
N PHE A 106 -20.45 17.50 9.47
CA PHE A 106 -19.19 17.17 8.82
C PHE A 106 -18.91 15.67 8.93
N ILE A 107 -17.94 15.24 8.14
CA ILE A 107 -17.46 13.86 8.16
C ILE A 107 -15.96 13.89 7.95
N GLU A 108 -15.27 13.00 8.66
CA GLU A 108 -13.84 12.76 8.50
C GLU A 108 -13.73 11.42 7.76
N ILE A 109 -13.27 11.47 6.50
CA ILE A 109 -13.10 10.25 5.72
C ILE A 109 -11.71 9.73 6.03
N GLY A 110 -11.41 8.50 5.64
CA GLY A 110 -10.16 7.90 6.06
C GLY A 110 -10.40 7.00 7.27
N THR A 111 -9.30 6.51 7.84
CA THR A 111 -7.95 6.88 7.49
C THR A 111 -7.46 6.28 6.20
N ILE A 112 -6.83 7.13 5.37
CA ILE A 112 -6.27 6.72 4.11
C ILE A 112 -4.76 6.56 4.28
N THR A 113 -4.16 5.76 3.40
CA THR A 113 -2.74 5.55 3.27
C THR A 113 -2.35 5.70 1.81
N PRO A 114 -1.07 5.93 1.50
CA PRO A 114 -0.72 6.18 0.08
C PRO A 114 -1.13 5.07 -0.87
N ARG A 115 -0.76 3.84 -0.58
CA ARG A 115 -1.21 2.69 -1.35
C ARG A 115 -2.40 2.07 -0.64
N GLY A 116 -3.30 1.46 -1.42
CA GLY A 116 -4.43 0.78 -0.81
C GLY A 116 -3.96 -0.37 0.07
N GLN A 117 -4.85 -0.85 0.94
CA GLN A 117 -4.55 -2.10 1.63
C GLN A 117 -5.81 -2.73 2.20
N THR A 118 -5.80 -4.05 2.29
CA THR A 118 -6.98 -4.79 2.71
C THR A 118 -7.07 -4.96 4.23
N GLY A 119 -6.07 -4.51 4.98
CA GLY A 119 -6.16 -4.56 6.43
C GLY A 119 -5.80 -5.91 6.99
N ASN A 120 -6.07 -6.08 8.29
CA ASN A 120 -5.69 -7.31 8.96
C ASN A 120 -6.72 -8.41 8.72
N ALA A 121 -6.38 -9.63 9.14
CA ALA A 121 -7.25 -10.76 8.89
C ALA A 121 -8.57 -10.63 9.64
N LYS A 122 -9.65 -11.12 9.02
CA LYS A 122 -10.97 -11.23 9.62
C LYS A 122 -11.13 -12.59 10.29
N PRO A 123 -12.11 -12.74 11.20
CA PRO A 123 -12.99 -11.66 11.70
C PRO A 123 -12.21 -10.63 12.50
N ARG A 124 -12.53 -9.35 12.33
CA ARG A 124 -11.80 -8.29 13.01
C ARG A 124 -12.71 -7.21 13.58
N ILE A 125 -14.03 -7.36 13.45
CA ILE A 125 -15.01 -6.46 14.04
C ILE A 125 -15.87 -7.31 14.97
N PHE A 126 -16.12 -6.83 16.18
CA PHE A 126 -17.04 -7.52 17.08
C PHE A 126 -17.84 -6.48 17.85
N ARG A 127 -19.15 -6.69 17.91
CA ARG A 127 -20.06 -5.78 18.59
C ARG A 127 -20.60 -6.43 19.87
N ASP A 128 -20.91 -5.58 20.84
CA ASP A 128 -21.62 -6.02 22.04
C ASP A 128 -22.79 -5.07 22.27
N VAL A 129 -24.00 -5.51 21.90
CA VAL A 129 -25.13 -4.60 21.98
C VAL A 129 -25.38 -4.19 23.43
N GLU A 130 -25.24 -5.13 24.36
CA GLU A 130 -25.59 -4.86 25.76
C GLU A 130 -24.83 -3.66 26.30
N SER A 131 -23.52 -3.61 26.06
CA SER A 131 -22.68 -2.52 26.54
C SER A 131 -22.50 -1.42 25.50
N ARG A 132 -23.22 -1.48 24.38
CA ARG A 132 -23.08 -0.50 23.30
C ARG A 132 -21.60 -0.25 23.02
N SER A 133 -20.91 -1.35 22.69
CA SER A 133 -19.46 -1.33 22.54
C SER A 133 -19.03 -2.15 21.35
N ILE A 134 -17.90 -1.75 20.77
CA ILE A 134 -17.30 -2.39 19.60
C ILE A 134 -15.83 -2.59 19.91
N ILE A 135 -15.26 -3.68 19.38
CA ILE A 135 -13.82 -3.87 19.41
C ILE A 135 -13.36 -4.18 17.99
N ASN A 136 -12.21 -3.65 17.60
CA ASN A 136 -11.81 -3.79 16.21
C ASN A 136 -10.29 -3.82 16.04
N SER A 137 -9.84 -4.69 15.13
CA SER A 137 -8.46 -4.73 14.66
C SER A 137 -8.39 -4.54 13.15
N CYS A 138 -8.99 -3.47 12.63
CA CYS A 138 -9.22 -3.39 11.18
C CYS A 138 -7.92 -3.31 10.39
N GLY A 139 -7.03 -2.39 10.76
CA GLY A 139 -5.77 -2.22 10.06
C GLY A 139 -5.74 -1.27 8.87
N PHE A 140 -6.41 -0.14 8.96
CA PHE A 140 -6.42 0.87 7.90
C PHE A 140 -6.76 0.27 6.53
N ASN A 141 -7.82 -0.52 6.45
CA ASN A 141 -8.29 -0.96 5.14
C ASN A 141 -8.79 0.26 4.36
N ASN A 142 -8.22 0.52 3.19
CA ASN A 142 -8.73 1.57 2.32
C ASN A 142 -8.24 1.35 0.89
N MET A 143 -8.87 2.07 -0.05
CA MET A 143 -8.55 1.95 -1.47
C MET A 143 -7.26 2.67 -1.85
N GLY A 144 -6.67 3.41 -0.92
CA GLY A 144 -5.47 4.15 -1.26
C GLY A 144 -5.76 5.61 -1.54
N CYS A 145 -4.76 6.45 -1.27
CA CYS A 145 -4.95 7.89 -1.34
C CYS A 145 -5.44 8.35 -2.71
N ASP A 146 -4.91 7.76 -3.78
CA ASP A 146 -5.23 8.23 -5.12
C ASP A 146 -6.69 7.96 -5.46
N LYS A 147 -7.19 6.75 -5.17
CA LYS A 147 -8.59 6.49 -5.50
C LYS A 147 -9.53 7.26 -4.57
N VAL A 148 -9.19 7.36 -3.27
CA VAL A 148 -10.07 8.11 -2.37
C VAL A 148 -10.10 9.57 -2.79
N THR A 149 -8.98 10.09 -3.30
CA THR A 149 -8.97 11.47 -3.78
C THR A 149 -9.98 11.64 -4.91
N GLU A 150 -10.12 10.64 -5.79
CA GLU A 150 -11.09 10.77 -6.86
C GLU A 150 -12.51 10.77 -6.32
N ASN A 151 -12.79 9.97 -5.29
CA ASN A 151 -14.12 9.97 -4.69
C ASN A 151 -14.44 11.31 -4.05
N LEU A 152 -13.44 11.92 -3.41
CA LEU A 152 -13.67 13.20 -2.77
C LEU A 152 -13.83 14.31 -3.80
N ILE A 153 -13.06 14.25 -4.89
CA ILE A 153 -13.23 15.20 -5.98
C ILE A 153 -14.66 15.12 -6.53
N LEU A 154 -15.22 13.92 -6.62
CA LEU A 154 -16.59 13.81 -7.13
C LEU A 154 -17.59 14.43 -6.16
N PHE A 155 -17.38 14.23 -4.86
CA PHE A 155 -18.23 14.93 -3.89
C PHE A 155 -18.12 16.43 -4.09
N ARG A 156 -16.89 16.94 -4.25
CA ARG A 156 -16.68 18.39 -4.31
C ARG A 156 -17.34 18.99 -5.54
N LYS A 157 -17.39 18.24 -6.65
CA LYS A 157 -18.10 18.71 -7.84
C LYS A 157 -19.61 18.72 -7.61
N ARG A 158 -20.16 17.68 -7.00
CA ARG A 158 -21.58 17.70 -6.62
C ARG A 158 -21.87 18.86 -5.68
N GLN A 159 -20.99 19.09 -4.70
CA GLN A 159 -21.18 20.19 -3.75
C GLN A 159 -21.27 21.52 -4.47
N GLU A 160 -20.36 21.75 -5.43
CA GLU A 160 -20.30 23.00 -6.19
C GLU A 160 -21.64 23.34 -6.85
N GLU A 161 -22.49 22.34 -7.04
CA GLU A 161 -23.75 22.51 -7.75
C GLU A 161 -24.98 22.26 -6.88
N ASP A 162 -24.81 21.79 -5.64
CA ASP A 162 -25.93 21.60 -4.72
C ASP A 162 -25.75 22.62 -3.60
N LYS A 163 -26.51 23.71 -3.68
CA LYS A 163 -26.38 24.75 -2.66
C LYS A 163 -26.65 24.22 -1.26
N LEU A 164 -27.33 23.09 -1.14
CA LEU A 164 -27.67 22.54 0.17
C LEU A 164 -26.51 21.83 0.85
N LEU A 165 -25.41 21.55 0.15
CA LEU A 165 -24.24 20.99 0.82
C LEU A 165 -23.12 22.00 1.00
N SER A 166 -23.32 23.27 0.62
CA SER A 166 -22.19 24.18 0.48
C SER A 166 -21.55 24.54 1.82
N LYS A 167 -22.21 24.31 2.95
CA LYS A 167 -21.60 24.61 4.24
C LYS A 167 -21.13 23.35 4.98
N HIS A 168 -21.38 22.17 4.45
CA HIS A 168 -20.92 20.96 5.13
C HIS A 168 -19.41 20.81 4.96
N ILE A 169 -18.77 20.22 5.96
CA ILE A 169 -17.32 20.14 6.07
C ILE A 169 -16.85 18.71 5.91
N VAL A 170 -15.71 18.53 5.23
CA VAL A 170 -15.11 17.21 5.05
C VAL A 170 -13.63 17.34 5.41
N GLY A 171 -13.21 16.63 6.46
CA GLY A 171 -11.81 16.43 6.75
C GLY A 171 -11.34 15.06 6.26
N VAL A 172 -10.00 14.91 6.22
CA VAL A 172 -9.39 13.68 5.76
C VAL A 172 -8.34 13.21 6.77
N SER A 173 -8.50 12.00 7.27
CA SER A 173 -7.58 11.39 8.22
C SER A 173 -6.51 10.68 7.41
N ILE A 174 -5.25 10.93 7.72
CA ILE A 174 -4.14 10.38 6.94
C ILE A 174 -3.24 9.59 7.87
N GLY A 175 -2.72 8.48 7.34
CA GLY A 175 -1.88 7.57 8.10
C GLY A 175 -0.80 6.95 7.23
N LYS A 176 -0.18 5.87 7.69
CA LYS A 176 0.90 5.25 6.94
C LYS A 176 0.51 3.83 6.57
N ASN A 177 0.99 3.39 5.39
CA ASN A 177 0.91 1.98 5.03
C ASN A 177 1.65 1.16 6.07
N LYS A 178 1.16 -0.05 6.31
CA LYS A 178 1.69 -0.90 7.38
C LYS A 178 3.20 -1.06 7.27
N ASP A 179 3.74 -1.16 6.05
CA ASP A 179 5.15 -1.49 5.91
C ASP A 179 6.05 -0.29 5.70
N THR A 180 5.52 0.92 5.72
CA THR A 180 6.36 2.10 5.55
C THR A 180 7.25 2.34 6.76
N VAL A 181 8.50 2.71 6.52
CA VAL A 181 9.43 2.91 7.64
C VAL A 181 9.32 4.32 8.23
N ASN A 182 9.34 5.35 7.38
N ASN A 182 9.39 5.37 7.40
CA ASN A 182 9.24 6.74 7.84
CA ASN A 182 9.24 6.75 7.89
C ASN A 182 7.80 7.21 7.60
C ASN A 182 7.82 7.21 7.62
N ILE A 183 7.02 7.33 8.69
CA ILE A 183 5.65 7.80 8.55
C ILE A 183 5.56 9.09 7.77
N VAL A 184 6.57 9.97 7.89
CA VAL A 184 6.42 11.31 7.32
C VAL A 184 6.33 11.27 5.80
N ASP A 185 7.03 10.33 5.15
CA ASP A 185 6.91 10.21 3.70
C ASP A 185 5.48 9.93 3.27
N ASP A 186 4.78 9.05 3.99
CA ASP A 186 3.40 8.75 3.64
C ASP A 186 2.50 9.94 3.92
N LEU A 187 2.72 10.65 5.02
CA LEU A 187 1.90 11.82 5.33
C LEU A 187 2.04 12.90 4.26
N LYS A 188 3.28 13.19 3.85
CA LYS A 188 3.50 14.13 2.76
C LYS A 188 2.82 13.65 1.47
N TYR A 189 2.94 12.36 1.16
CA TYR A 189 2.31 11.86 -0.06
C TYR A 189 0.82 12.18 -0.06
N CYS A 190 0.15 11.97 1.07
CA CYS A 190 -1.29 12.23 1.11
C CYS A 190 -1.60 13.72 1.00
N ILE A 191 -0.83 14.57 1.68
CA ILE A 191 -1.05 16.02 1.61
C ILE A 191 -0.98 16.48 0.17
N ASN A 192 0.01 15.98 -0.57
CA ASN A 192 0.23 16.47 -1.92
C ASN A 192 -0.83 15.99 -2.91
N LYS A 193 -1.58 14.93 -2.59
CA LYS A 193 -2.62 14.46 -3.51
C LYS A 193 -4.02 14.90 -3.09
N ILE A 194 -4.38 14.76 -1.82
CA ILE A 194 -5.73 15.05 -1.37
C ILE A 194 -5.85 16.36 -0.59
N GLY A 195 -4.75 17.00 -0.23
CA GLY A 195 -4.82 18.15 0.66
C GLY A 195 -5.69 19.28 0.13
N ARG A 196 -5.63 19.54 -1.17
CA ARG A 196 -6.35 20.68 -1.71
C ARG A 196 -7.87 20.49 -1.68
N TYR A 197 -8.35 19.29 -1.42
CA TYR A 197 -9.78 19.00 -1.37
C TYR A 197 -10.31 18.88 0.04
N ALA A 198 -9.46 19.05 1.04
CA ALA A 198 -9.79 18.82 2.44
C ALA A 198 -9.99 20.15 3.16
N ASP A 199 -11.00 20.20 4.03
CA ASP A 199 -11.15 21.35 4.90
C ASP A 199 -10.21 21.27 6.10
N TYR A 200 -9.90 20.05 6.54
CA TYR A 200 -8.86 19.85 7.53
C TYR A 200 -8.25 18.49 7.29
N ILE A 201 -7.07 18.31 7.87
CA ILE A 201 -6.29 17.09 7.81
C ILE A 201 -6.16 16.59 9.23
N ALA A 202 -6.56 15.35 9.46
CA ALA A 202 -6.36 14.68 10.74
C ALA A 202 -5.17 13.75 10.64
N ILE A 203 -4.17 13.97 11.48
CA ILE A 203 -2.99 13.13 11.51
C ILE A 203 -3.23 12.03 12.51
N ASN A 204 -3.24 10.80 12.03
CA ASN A 204 -3.57 9.64 12.83
C ASN A 204 -2.29 8.96 13.28
N VAL A 205 -1.88 9.25 14.50
CA VAL A 205 -0.78 8.55 15.17
C VAL A 205 -1.30 7.71 16.33
N SER A 206 -2.57 7.28 16.27
CA SER A 206 -3.18 6.62 17.43
C SER A 206 -3.97 5.35 17.14
N SER A 207 -4.00 4.85 15.90
CA SER A 207 -4.60 3.54 15.69
C SER A 207 -3.88 2.51 16.57
N PRO A 208 -4.60 1.60 17.23
CA PRO A 208 -3.92 0.50 17.94
C PRO A 208 -3.54 -0.67 17.04
N ASN A 209 -3.89 -0.64 15.76
CA ASN A 209 -3.86 -1.84 14.92
C ASN A 209 -2.84 -1.76 13.78
N THR A 210 -2.00 -0.73 13.75
CA THR A 210 -0.81 -0.73 12.91
C THR A 210 0.41 -0.80 13.82
N PRO A 211 1.20 -1.87 13.78
CA PRO A 211 2.40 -1.93 14.63
C PRO A 211 3.24 -0.67 14.54
N GLY A 212 3.67 -0.19 15.72
CA GLY A 212 4.54 0.94 15.82
C GLY A 212 3.89 2.30 15.68
N LEU A 213 2.63 2.38 15.27
CA LEU A 213 2.05 3.68 14.94
C LEU A 213 1.99 4.59 16.17
N ARG A 214 1.58 4.06 17.33
CA ARG A 214 1.36 4.89 18.51
C ARG A 214 2.67 5.45 19.08
N ASP A 215 3.81 4.85 18.74
CA ASP A 215 5.09 5.36 19.17
C ASP A 215 5.36 6.78 18.68
N ASN A 216 4.70 7.20 17.60
CA ASN A 216 4.85 8.54 17.07
C ASN A 216 4.13 9.59 17.92
N GLN A 217 3.51 9.19 19.04
CA GLN A 217 3.00 10.13 20.03
C GLN A 217 4.09 10.61 20.99
N GLU A 218 5.26 9.98 20.98
CA GLU A 218 6.42 10.55 21.66
C GLU A 218 6.64 11.98 21.17
N ALA A 219 7.00 12.87 22.12
CA ALA A 219 7.02 14.30 21.83
C ALA A 219 7.96 14.64 20.68
N GLY A 220 9.20 14.13 20.74
CA GLY A 220 10.16 14.44 19.68
C GLY A 220 9.66 14.05 18.30
N LYS A 221 9.23 12.80 18.15
CA LYS A 221 8.72 12.38 16.85
C LYS A 221 7.50 13.20 16.44
N LEU A 222 6.56 13.42 17.38
CA LEU A 222 5.32 14.10 17.05
C LEU A 222 5.57 15.53 16.58
N LYS A 223 6.49 16.23 17.24
CA LYS A 223 6.85 17.57 16.82
C LYS A 223 7.31 17.58 15.37
N ASN A 224 8.21 16.67 15.02
CA ASN A 224 8.70 16.61 13.64
C ASN A 224 7.56 16.25 12.67
N ILE A 225 6.64 15.40 13.10
CA ILE A 225 5.52 15.04 12.25
C ILE A 225 4.62 16.24 12.00
N ILE A 226 4.31 16.99 13.05
CA ILE A 226 3.40 18.12 12.89
C ILE A 226 4.03 19.17 11.98
N LEU A 227 5.31 19.47 12.20
CA LEU A 227 5.95 20.54 11.45
C LEU A 227 6.14 20.17 9.99
N SER A 228 6.47 18.90 9.73
CA SER A 228 6.56 18.42 8.36
C SER A 228 5.22 18.50 7.64
N VAL A 229 4.14 18.15 8.33
CA VAL A 229 2.81 18.20 7.71
C VAL A 229 2.42 19.63 7.42
N LYS A 230 2.57 20.53 8.40
CA LYS A 230 2.27 21.94 8.16
C LYS A 230 3.14 22.53 7.05
N GLU A 231 4.41 22.15 7.01
CA GLU A 231 5.30 22.67 5.97
C GLU A 231 4.90 22.14 4.60
N GLU A 232 4.47 20.88 4.52
CA GLU A 232 4.00 20.35 3.24
C GLU A 232 2.75 21.08 2.77
N ILE A 233 1.84 21.38 3.70
CA ILE A 233 0.63 22.11 3.34
C ILE A 233 0.97 23.52 2.87
N ASP A 234 1.87 24.20 3.59
CA ASP A 234 2.25 25.55 3.21
C ASP A 234 2.99 25.58 1.88
N ASN A 235 3.68 24.49 1.52
CA ASN A 235 4.34 24.44 0.22
C ASN A 235 3.34 24.22 -0.92
N LEU A 236 2.32 23.40 -0.69
CA LEU A 236 1.25 23.26 -1.66
C LEU A 236 0.78 24.63 -2.10
N GLU A 237 0.44 25.48 -1.12
CA GLU A 237 -0.01 26.84 -1.41
C GLU A 237 1.02 27.61 -2.21
N LYS A 238 2.21 27.82 -1.62
CA LYS A 238 3.27 28.56 -2.29
C LYS A 238 3.42 28.15 -3.75
N ASN A 239 3.39 26.85 -4.03
CA ASN A 239 3.71 26.35 -5.36
C ASN A 239 2.55 26.39 -6.34
N ASN A 240 1.35 26.79 -5.91
CA ASN A 240 0.21 26.81 -6.81
C ASN A 240 -0.65 28.06 -6.69
N ILE A 241 -0.20 29.08 -5.96
CA ILE A 241 -1.00 30.30 -5.77
C ILE A 241 -1.43 30.87 -7.11
N MET A 242 -0.54 30.86 -8.08
CA MET A 242 -0.65 31.61 -9.32
C MET A 242 -1.40 30.86 -10.41
N ASN A 243 -1.91 29.67 -10.13
CA ASN A 243 -2.47 28.88 -11.20
C ASN A 243 -3.89 29.31 -11.53
N ASP A 244 -4.29 29.01 -12.77
CA ASP A 244 -5.59 29.45 -13.27
C ASP A 244 -6.72 28.76 -12.51
N GLU A 245 -6.57 27.47 -12.20
CA GLU A 245 -7.50 26.79 -11.31
C GLU A 245 -7.20 27.18 -9.88
N PHE A 246 -8.23 27.56 -9.12
CA PHE A 246 -8.00 27.95 -7.73
C PHE A 246 -7.63 26.72 -6.91
N LEU A 247 -6.68 26.88 -5.98
CA LEU A 247 -6.06 25.70 -5.40
C LEU A 247 -6.98 24.98 -4.42
N TRP A 248 -7.74 25.73 -3.61
CA TRP A 248 -8.48 25.10 -2.51
C TRP A 248 -9.89 24.75 -2.99
N PHE A 249 -10.06 23.52 -3.46
CA PHE A 249 -11.38 23.04 -3.93
C PHE A 249 -12.06 22.28 -2.79
N ASN A 250 -12.46 23.06 -1.79
CA ASN A 250 -13.01 22.53 -0.54
C ASN A 250 -14.12 23.47 -0.09
N THR A 251 -14.54 23.36 1.16
CA THR A 251 -15.63 24.21 1.64
C THR A 251 -15.12 25.56 2.09
N THR A 252 -13.99 25.57 2.80
CA THR A 252 -13.45 26.80 3.36
C THR A 252 -12.82 27.70 2.31
N LYS A 253 -12.39 27.15 1.17
CA LYS A 253 -11.60 27.88 0.18
C LYS A 253 -10.26 28.34 0.75
N LYS A 254 -9.81 27.68 1.82
CA LYS A 254 -8.54 27.95 2.47
C LYS A 254 -7.75 26.66 2.58
N LYS A 255 -6.46 26.79 2.91
CA LYS A 255 -5.65 25.61 3.16
C LYS A 255 -6.22 24.83 4.34
N PRO A 256 -6.13 23.50 4.33
CA PRO A 256 -6.70 22.72 5.44
C PRO A 256 -6.06 23.03 6.78
N LEU A 257 -6.89 23.07 7.82
CA LEU A 257 -6.39 23.06 9.18
C LEU A 257 -5.76 21.69 9.48
N VAL A 258 -4.95 21.64 10.54
CA VAL A 258 -4.27 20.42 10.93
C VAL A 258 -4.68 20.03 12.35
N PHE A 259 -5.23 18.83 12.48
CA PHE A 259 -5.56 18.24 13.77
C PHE A 259 -4.70 17.01 13.99
N VAL A 260 -4.46 16.66 15.25
CA VAL A 260 -3.89 15.38 15.62
C VAL A 260 -4.93 14.58 16.37
N LYS A 261 -5.00 13.28 16.10
CA LYS A 261 -5.90 12.39 16.82
C LYS A 261 -5.07 11.55 17.80
N LEU A 262 -5.43 11.61 19.08
CA LEU A 262 -4.63 11.02 20.14
C LEU A 262 -5.28 9.77 20.71
N ALA A 263 -4.42 8.81 21.11
CA ALA A 263 -4.85 7.61 21.80
C ALA A 263 -5.01 7.89 23.29
N PRO A 264 -5.99 7.27 23.96
CA PRO A 264 -6.19 7.52 25.39
C PRO A 264 -5.31 6.67 26.29
N ASP A 265 -4.45 5.82 25.74
CA ASP A 265 -3.65 4.89 26.54
C ASP A 265 -2.23 5.43 26.64
N LEU A 266 -2.12 6.49 27.43
CA LEU A 266 -0.91 7.26 27.65
C LEU A 266 -0.83 7.55 29.15
N ASN A 267 0.37 7.67 29.69
CA ASN A 267 0.48 8.12 31.06
C ASN A 267 0.47 9.65 31.12
N GLN A 268 0.44 10.20 32.33
CA GLN A 268 0.28 11.64 32.49
C GLN A 268 1.48 12.40 31.92
N GLU A 269 2.68 11.84 32.08
CA GLU A 269 3.87 12.53 31.56
C GLU A 269 3.83 12.63 30.04
N GLN A 270 3.43 11.55 29.37
CA GLN A 270 3.23 11.61 27.92
C GLN A 270 2.19 12.65 27.55
N LYS A 271 1.09 12.71 28.30
CA LYS A 271 0.04 13.69 27.99
C LYS A 271 0.56 15.11 28.11
N LYS A 272 1.31 15.39 29.17
CA LYS A 272 1.86 16.73 29.36
C LYS A 272 2.86 17.07 28.26
N GLU A 273 3.75 16.13 27.94
CA GLU A 273 4.75 16.38 26.90
C GLU A 273 4.11 16.57 25.53
N ILE A 274 3.05 15.84 25.23
CA ILE A 274 2.36 16.06 23.96
C ILE A 274 1.74 17.46 23.95
N ALA A 275 1.12 17.86 25.06
CA ALA A 275 0.49 19.18 25.12
C ALA A 275 1.51 20.28 24.88
N ASP A 276 2.68 20.18 25.50
CA ASP A 276 3.75 21.15 25.25
C ASP A 276 4.08 21.24 23.77
N VAL A 277 4.11 20.10 23.06
CA VAL A 277 4.44 20.11 21.64
C VAL A 277 3.31 20.75 20.83
N LEU A 278 2.06 20.46 21.21
CA LEU A 278 0.93 21.04 20.48
C LEU A 278 0.92 22.55 20.61
N LEU A 279 1.30 23.08 21.78
CA LEU A 279 1.39 24.52 21.97
C LEU A 279 2.51 25.12 21.13
N GLU A 280 3.66 24.45 21.08
CA GLU A 280 4.82 25.02 20.39
C GLU A 280 4.64 24.97 18.87
N THR A 281 3.99 23.91 18.36
CA THR A 281 3.82 23.74 16.92
C THR A 281 2.57 24.40 16.38
N ASN A 282 1.69 24.91 17.25
CA ASN A 282 0.49 25.62 16.81
C ASN A 282 -0.45 24.74 16.00
N ILE A 283 -0.65 23.50 16.43
CA ILE A 283 -1.68 22.65 15.83
C ILE A 283 -3.04 23.32 15.98
N ASP A 284 -3.94 23.03 15.04
CA ASP A 284 -5.23 23.71 15.03
C ASP A 284 -6.29 23.05 15.88
N GLY A 285 -6.08 21.82 16.30
CA GLY A 285 -7.03 21.16 17.15
C GLY A 285 -6.56 19.75 17.43
N MET A 286 -7.18 19.14 18.44
CA MET A 286 -6.87 17.76 18.78
C MET A 286 -8.16 16.96 18.90
N ILE A 287 -8.15 15.77 18.30
CA ILE A 287 -9.26 14.84 18.37
C ILE A 287 -9.01 13.90 19.54
N ILE A 288 -9.84 14.00 20.57
CA ILE A 288 -9.72 13.25 21.80
C ILE A 288 -10.99 12.43 21.95
N SER A 289 -10.94 11.12 21.69
CA SER A 289 -9.74 10.34 21.48
C SER A 289 -10.05 9.17 20.56
N ASN A 290 -9.02 8.41 20.21
CA ASN A 290 -9.17 7.15 19.51
C ASN A 290 -9.62 6.04 20.50
N THR A 291 -9.67 4.81 20.01
CA THR A 291 -10.11 3.67 20.81
C THR A 291 -9.07 3.32 21.88
N THR A 292 -9.52 2.56 22.89
CA THR A 292 -8.68 2.18 24.02
C THR A 292 -8.43 0.68 24.02
N THR A 293 -7.24 0.29 24.46
CA THR A 293 -6.92 -1.11 24.69
C THR A 293 -6.98 -1.47 26.17
N GLN A 294 -7.44 -0.56 27.02
CA GLN A 294 -7.38 -0.77 28.45
C GLN A 294 -8.60 -1.49 29.03
N ILE A 295 -9.67 -1.69 28.24
CA ILE A 295 -10.91 -2.21 28.78
C ILE A 295 -10.86 -3.74 28.79
N ASN A 296 -10.99 -4.31 29.99
CA ASN A 296 -10.86 -5.75 30.17
C ASN A 296 -12.14 -6.43 30.63
N ASP A 297 -13.20 -5.67 30.90
CA ASP A 297 -14.37 -6.19 31.61
C ASP A 297 -15.60 -6.36 30.72
N ILE A 298 -15.40 -6.83 29.49
CA ILE A 298 -16.49 -7.13 28.59
C ILE A 298 -16.32 -8.56 28.10
N LYS A 299 -17.24 -9.45 28.51
CA LYS A 299 -17.06 -10.89 28.31
C LYS A 299 -17.03 -11.24 26.82
N SER A 300 -18.02 -10.76 26.06
CA SER A 300 -18.04 -10.85 24.61
C SER A 300 -16.66 -10.70 23.97
N PHE A 301 -15.84 -9.79 24.51
CA PHE A 301 -14.60 -9.40 23.87
C PHE A 301 -13.37 -10.07 24.48
N GLU A 302 -13.56 -10.95 25.47
CA GLU A 302 -12.45 -11.71 26.01
C GLU A 302 -11.64 -12.37 24.90
N ASN A 303 -10.32 -12.32 25.03
CA ASN A 303 -9.40 -12.92 24.06
C ASN A 303 -9.63 -12.36 22.66
N LYS A 304 -9.93 -11.07 22.58
CA LYS A 304 -10.05 -10.40 21.30
C LYS A 304 -9.05 -9.27 21.25
N LYS A 305 -8.52 -9.03 20.07
CA LYS A 305 -7.51 -8.01 19.86
C LYS A 305 -8.17 -6.75 19.28
N GLY A 306 -7.58 -5.60 19.60
CA GLY A 306 -7.94 -4.33 18.99
C GLY A 306 -8.41 -3.30 20.01
N GLY A 307 -8.95 -2.21 19.48
CA GLY A 307 -9.38 -1.09 20.31
C GLY A 307 -10.89 -1.13 20.57
N VAL A 308 -11.27 -0.69 21.77
CA VAL A 308 -12.66 -0.65 22.16
C VAL A 308 -13.23 0.74 21.91
N SER A 309 -14.39 0.79 21.26
CA SER A 309 -15.18 1.98 21.05
C SER A 309 -16.47 1.88 21.84
N GLY A 310 -17.19 2.99 21.92
CA GLY A 310 -18.54 2.96 22.43
C GLY A 310 -18.67 3.41 23.87
N ALA A 311 -19.76 2.96 24.51
CA ALA A 311 -20.16 3.50 25.81
C ALA A 311 -19.06 3.32 26.84
N LYS A 312 -18.36 2.19 26.82
CA LYS A 312 -17.31 1.96 27.80
C LYS A 312 -16.04 2.77 27.52
N LEU A 313 -16.00 3.54 26.43
CA LEU A 313 -14.93 4.51 26.22
C LEU A 313 -15.32 5.91 26.70
N LYS A 314 -16.55 6.13 27.14
CA LYS A 314 -17.00 7.52 27.31
C LYS A 314 -16.27 8.20 28.47
N ASP A 315 -16.28 7.59 29.66
CA ASP A 315 -15.67 8.23 30.81
C ASP A 315 -14.19 8.45 30.58
N ILE A 316 -13.50 7.43 30.05
CA ILE A 316 -12.07 7.54 29.75
C ILE A 316 -11.78 8.73 28.84
N SER A 317 -12.50 8.82 27.72
CA SER A 317 -12.18 9.87 26.78
C SER A 317 -12.62 11.25 27.29
N THR A 318 -13.72 11.33 28.03
CA THR A 318 -14.10 12.61 28.61
C THR A 318 -13.03 13.13 29.58
N LYS A 319 -12.55 12.25 30.45
CA LYS A 319 -11.48 12.63 31.37
C LYS A 319 -10.23 13.08 30.61
N PHE A 320 -9.89 12.38 29.53
CA PHE A 320 -8.78 12.80 28.68
C PHE A 320 -9.00 14.21 28.14
N ILE A 321 -10.23 14.54 27.73
CA ILE A 321 -10.52 15.89 27.25
C ILE A 321 -10.21 16.92 28.32
N CYS A 322 -10.61 16.64 29.56
CA CYS A 322 -10.36 17.58 30.65
C CYS A 322 -8.86 17.78 30.87
N GLU A 323 -8.10 16.69 30.86
CA GLU A 323 -6.66 16.76 31.07
C GLU A 323 -5.97 17.58 29.99
N MET A 324 -6.30 17.30 28.73
CA MET A 324 -5.63 17.99 27.65
C MET A 324 -6.09 19.44 27.52
N TYR A 325 -7.36 19.75 27.85
CA TYR A 325 -7.82 21.14 27.84
C TYR A 325 -6.99 21.98 28.82
N ASN A 326 -6.66 21.41 29.99
CA ASN A 326 -5.89 22.10 31.00
C ASN A 326 -4.39 22.06 30.71
N TYR A 327 -3.86 20.96 30.16
CA TYR A 327 -2.44 20.90 29.85
C TYR A 327 -2.07 21.85 28.71
N THR A 328 -2.98 22.07 27.76
CA THR A 328 -2.77 23.06 26.71
C THR A 328 -3.31 24.44 27.11
N ASN A 329 -3.66 24.62 28.39
CA ASN A 329 -4.11 25.92 28.92
C ASN A 329 -5.23 26.51 28.06
N LYS A 330 -6.10 25.63 27.56
CA LYS A 330 -7.30 25.98 26.80
C LYS A 330 -7.01 26.63 25.46
N GLN A 331 -5.80 26.50 24.93
CA GLN A 331 -5.41 27.16 23.69
C GLN A 331 -5.61 26.31 22.45
N ILE A 332 -5.96 25.04 22.61
CA ILE A 332 -6.06 24.11 21.48
C ILE A 332 -7.49 23.57 21.41
N PRO A 333 -8.25 23.94 20.39
CA PRO A 333 -9.64 23.45 20.28
C PRO A 333 -9.69 21.93 20.24
N ILE A 334 -10.79 21.37 20.77
CA ILE A 334 -10.91 19.93 20.96
C ILE A 334 -12.10 19.40 20.17
N ILE A 335 -11.84 18.33 19.42
CA ILE A 335 -12.87 17.56 18.74
C ILE A 335 -13.10 16.31 19.59
N ALA A 336 -14.33 16.09 20.06
CA ALA A 336 -14.59 15.00 21.00
C ALA A 336 -15.00 13.74 20.26
N SER A 337 -14.34 12.62 20.59
CA SER A 337 -14.71 11.31 20.09
C SER A 337 -14.68 10.30 21.23
N GLY A 338 -15.74 9.50 21.35
CA GLY A 338 -15.75 8.40 22.30
C GLY A 338 -16.96 8.30 23.20
N GLY A 339 -17.85 7.33 22.91
CA GLY A 339 -18.97 7.05 23.76
C GLY A 339 -20.14 8.02 23.69
N ILE A 340 -20.23 8.83 22.65
CA ILE A 340 -21.27 9.86 22.56
C ILE A 340 -22.50 9.24 21.91
N PHE A 341 -23.59 9.13 22.67
CA PHE A 341 -24.87 8.69 22.11
C PHE A 341 -26.02 9.68 22.34
N SER A 342 -25.99 10.44 23.44
CA SER A 342 -27.12 11.23 23.88
C SER A 342 -26.73 12.70 23.94
N GLY A 343 -27.73 13.57 24.04
CA GLY A 343 -27.44 14.98 24.18
C GLY A 343 -26.69 15.30 25.45
N LEU A 344 -27.02 14.58 26.53
CA LEU A 344 -26.26 14.72 27.76
C LEU A 344 -24.81 14.30 27.56
N ASP A 345 -24.58 13.18 26.86
CA ASP A 345 -23.22 12.79 26.53
C ASP A 345 -22.48 13.93 25.83
N ALA A 346 -23.14 14.54 24.84
CA ALA A 346 -22.49 15.58 24.04
C ALA A 346 -22.18 16.81 24.89
N LEU A 347 -23.10 17.20 25.77
CA LEU A 347 -22.86 18.35 26.65
C LEU A 347 -21.75 18.07 27.65
N GLU A 348 -21.64 16.83 28.13
CA GLU A 348 -20.50 16.45 28.96
C GLU A 348 -19.18 16.67 28.21
N LYS A 349 -19.10 16.28 26.94
CA LYS A 349 -17.87 16.51 26.20
C LYS A 349 -17.60 18.01 26.03
N ILE A 350 -18.65 18.77 25.69
CA ILE A 350 -18.50 20.20 25.45
C ILE A 350 -18.10 20.92 26.73
N GLU A 351 -18.86 20.72 27.81
CA GLU A 351 -18.49 21.35 29.08
C GLU A 351 -17.08 20.91 29.53
N ALA A 352 -16.65 19.73 29.12
CA ALA A 352 -15.29 19.30 29.45
C ALA A 352 -14.22 20.05 28.66
N GLY A 353 -14.57 20.62 27.51
CA GLY A 353 -13.61 21.39 26.76
C GLY A 353 -13.77 21.31 25.25
N ALA A 354 -14.65 20.45 24.78
CA ALA A 354 -14.79 20.21 23.35
C ALA A 354 -15.65 21.28 22.69
N SER A 355 -15.25 21.68 21.48
CA SER A 355 -16.04 22.56 20.62
C SER A 355 -17.00 21.81 19.72
N VAL A 356 -16.75 20.52 19.47
CA VAL A 356 -17.52 19.76 18.48
C VAL A 356 -17.37 18.28 18.80
N CYS A 357 -18.32 17.48 18.33
CA CYS A 357 -18.42 16.06 18.65
C CYS A 357 -18.45 15.20 17.39
N GLN A 358 -17.78 14.04 17.45
CA GLN A 358 -17.89 13.03 16.40
C GLN A 358 -18.59 11.78 16.93
N LEU A 359 -19.42 11.18 16.09
CA LEU A 359 -20.11 9.93 16.40
C LEU A 359 -19.59 8.81 15.53
N TYR A 360 -19.60 7.60 16.07
CA TYR A 360 -19.29 6.38 15.32
C TYR A 360 -20.20 5.29 15.88
N SER A 361 -19.93 4.90 17.12
CA SER A 361 -20.71 3.84 17.74
C SER A 361 -22.19 4.18 17.79
N CYS A 362 -22.54 5.45 18.02
CA CYS A 362 -23.95 5.83 18.04
C CYS A 362 -24.65 5.44 16.74
N LEU A 363 -23.96 5.59 15.60
CA LEU A 363 -24.56 5.20 14.32
C LEU A 363 -24.77 3.69 14.25
N VAL A 364 -23.94 2.91 14.93
CA VAL A 364 -24.09 1.46 14.88
C VAL A 364 -25.26 1.00 15.74
N PHE A 365 -25.43 1.57 16.92
CA PHE A 365 -26.45 1.07 17.83
C PHE A 365 -27.74 1.85 17.78
N ASN A 366 -27.71 3.08 17.27
CA ASN A 366 -28.91 3.88 17.13
C ASN A 366 -29.33 4.11 15.69
N GLY A 367 -28.42 3.96 14.73
CA GLY A 367 -28.80 3.95 13.35
C GLY A 367 -29.19 5.30 12.76
N MET A 368 -30.24 5.30 11.93
CA MET A 368 -30.49 6.42 11.03
C MET A 368 -30.87 7.69 11.79
N LYS A 369 -31.59 7.54 12.89
CA LYS A 369 -32.06 8.67 13.71
C LYS A 369 -30.96 9.32 14.52
N SER A 370 -29.72 8.83 14.42
CA SER A 370 -28.66 9.29 15.33
C SER A 370 -28.56 10.81 15.39
N ALA A 371 -28.43 11.47 14.24
CA ALA A 371 -28.20 12.91 14.24
C ALA A 371 -29.47 13.68 14.65
N VAL A 372 -30.62 13.31 14.09
CA VAL A 372 -31.86 13.98 14.48
C VAL A 372 -31.99 13.99 15.99
N GLN A 373 -31.89 12.81 16.60
CA GLN A 373 -32.20 12.65 18.02
C GLN A 373 -31.25 13.45 18.90
N ILE A 374 -29.94 13.36 18.63
CA ILE A 374 -28.97 13.93 19.54
C ILE A 374 -28.94 15.45 19.41
N LYS A 375 -29.23 15.98 18.23
CA LYS A 375 -29.37 17.43 18.09
C LYS A 375 -30.58 17.94 18.86
N ARG A 376 -31.69 17.19 18.85
CA ARG A 376 -32.87 17.62 19.60
C ARG A 376 -32.60 17.56 21.10
N GLU A 377 -31.95 16.48 21.55
CA GLU A 377 -31.64 16.35 22.96
C GLU A 377 -30.71 17.47 23.43
N LEU A 378 -29.67 17.78 22.63
CA LEU A 378 -28.75 18.85 23.03
C LEU A 378 -29.45 20.20 23.07
N ASN A 379 -30.30 20.50 22.08
CA ASN A 379 -31.00 21.79 22.07
C ASN A 379 -31.85 21.96 23.33
N HIS A 380 -32.67 20.95 23.65
CA HIS A 380 -33.48 21.01 24.86
C HIS A 380 -32.60 21.23 26.08
N LEU A 381 -31.47 20.52 26.14
CA LEU A 381 -30.58 20.61 27.29
C LEU A 381 -29.97 22.01 27.42
N LEU A 382 -29.65 22.65 26.30
CA LEU A 382 -29.12 24.01 26.37
C LEU A 382 -30.16 24.98 26.92
N TYR A 383 -31.44 24.76 26.56
CA TYR A 383 -32.55 25.49 27.17
C TYR A 383 -32.61 25.23 28.67
N GLN A 384 -32.69 23.96 29.07
CA GLN A 384 -32.89 23.65 30.48
C GLN A 384 -31.76 24.16 31.36
N ARG A 385 -30.54 24.28 30.82
CA ARG A 385 -29.41 24.76 31.59
C ARG A 385 -29.12 26.24 31.39
N GLY A 386 -30.01 26.97 30.73
CA GLY A 386 -29.90 28.41 30.68
C GLY A 386 -28.83 28.97 29.77
N TYR A 387 -28.15 28.13 29.00
CA TYR A 387 -27.16 28.61 28.05
C TYR A 387 -27.83 29.40 26.93
N TYR A 388 -27.22 30.54 26.58
CA TYR A 388 -27.67 31.28 25.40
C TYR A 388 -27.33 30.50 24.14
N ASN A 389 -26.13 29.94 24.06
CA ASN A 389 -25.75 29.10 22.93
C ASN A 389 -24.70 28.09 23.36
N LEU A 390 -24.39 27.20 22.42
CA LEU A 390 -23.44 26.11 22.69
C LEU A 390 -22.07 26.65 23.03
N LYS A 391 -21.62 27.72 22.37
CA LYS A 391 -20.27 28.21 22.63
C LYS A 391 -20.09 28.62 24.09
N GLU A 392 -21.14 29.16 24.71
CA GLU A 392 -21.08 29.54 26.12
C GLU A 392 -20.78 28.34 27.02
N ALA A 393 -21.11 27.12 26.56
CA ALA A 393 -20.91 25.93 27.38
C ALA A 393 -19.53 25.31 27.23
N ILE A 394 -18.73 25.74 26.26
CA ILE A 394 -17.47 25.07 25.98
C ILE A 394 -16.52 25.28 27.14
N GLY A 395 -16.06 24.18 27.73
CA GLY A 395 -15.08 24.27 28.80
C GLY A 395 -15.61 24.73 30.12
N ARG A 396 -16.93 24.83 30.28
CA ARG A 396 -17.49 25.41 31.49
C ARG A 396 -17.36 24.51 32.71
N LYS A 397 -17.02 23.23 32.54
CA LYS A 397 -16.72 22.42 33.72
C LYS A 397 -15.56 23.02 34.51
N HIS A 398 -14.67 23.76 33.86
CA HIS A 398 -13.44 24.24 34.47
C HIS A 398 -13.64 25.68 34.97
N SER A 399 -13.37 25.87 36.27
CA SER A 399 -13.67 27.09 37.01
C SER A 399 -15.17 27.25 37.25
N GLU B 21 42.76 -19.98 -9.72
CA GLU B 21 42.95 -20.72 -10.97
C GLU B 21 41.60 -21.00 -11.65
N SER B 22 41.23 -22.27 -11.78
CA SER B 22 40.09 -22.65 -12.61
C SER B 22 38.74 -22.32 -11.98
N TYR B 23 38.67 -22.11 -10.67
CA TYR B 23 37.43 -21.72 -10.01
C TYR B 23 37.10 -20.25 -10.20
N ASN B 24 38.01 -19.47 -10.74
CA ASN B 24 37.78 -18.03 -10.85
C ASN B 24 36.93 -17.73 -12.07
N PRO B 25 35.84 -16.98 -11.91
CA PRO B 25 34.94 -16.74 -13.06
C PRO B 25 35.56 -15.99 -14.23
N GLU B 26 36.70 -15.32 -14.04
CA GLU B 26 37.37 -14.58 -15.11
C GLU B 26 38.55 -15.35 -15.70
N PHE B 27 38.81 -16.56 -15.21
CA PHE B 27 39.81 -17.45 -15.80
C PHE B 27 39.73 -17.39 -17.31
N PHE B 28 40.88 -17.21 -17.96
CA PHE B 28 40.89 -16.81 -19.36
C PHE B 28 40.21 -17.84 -20.26
N LEU B 29 40.25 -19.12 -19.89
CA LEU B 29 39.69 -20.14 -20.77
C LEU B 29 38.18 -19.98 -20.98
N TYR B 30 37.46 -19.41 -20.00
CA TYR B 30 36.01 -19.36 -20.10
C TYR B 30 35.56 -18.47 -21.26
N ASP B 31 36.23 -17.34 -21.46
CA ASP B 31 35.92 -16.52 -22.63
C ASP B 31 36.21 -17.28 -23.92
N ILE B 32 37.22 -18.14 -23.92
CA ILE B 32 37.55 -18.89 -25.13
C ILE B 32 36.47 -19.90 -25.45
N PHE B 33 36.09 -20.73 -24.47
CA PHE B 33 35.00 -21.68 -24.67
C PHE B 33 33.70 -20.96 -25.04
N LEU B 34 33.43 -19.83 -24.38
CA LEU B 34 32.19 -19.10 -24.63
C LEU B 34 32.11 -18.58 -26.07
N LYS B 35 33.15 -17.89 -26.53
CA LYS B 35 33.09 -17.36 -27.89
C LYS B 35 33.01 -18.50 -28.90
N PHE B 36 33.71 -19.59 -28.63
CA PHE B 36 33.57 -20.78 -29.46
C PHE B 36 32.14 -21.33 -29.42
N CYS B 37 31.54 -21.35 -28.23
CA CYS B 37 30.17 -21.84 -28.14
C CYS B 37 29.23 -20.97 -28.97
N LEU B 38 29.38 -19.65 -28.89
CA LEU B 38 28.43 -18.76 -29.54
C LEU B 38 28.54 -18.83 -31.05
N LYS B 39 29.72 -19.15 -31.57
CA LYS B 39 29.91 -19.14 -33.02
C LYS B 39 29.49 -20.47 -33.65
N TYR B 40 29.59 -21.58 -32.92
CA TYR B 40 29.51 -22.89 -33.52
C TYR B 40 28.48 -23.84 -32.90
N ILE B 41 27.96 -23.57 -31.71
CA ILE B 41 27.13 -24.54 -30.98
C ILE B 41 25.73 -23.99 -30.78
N ASP B 42 24.74 -24.86 -30.98
CA ASP B 42 23.34 -24.47 -30.87
C ASP B 42 23.02 -23.99 -29.46
N GLY B 43 22.18 -22.96 -29.38
CA GLY B 43 21.92 -22.33 -28.09
C GLY B 43 21.30 -23.28 -27.08
N GLU B 44 20.44 -24.18 -27.53
CA GLU B 44 19.85 -25.15 -26.61
C GLU B 44 20.92 -26.02 -25.97
N ILE B 45 21.91 -26.44 -26.77
CA ILE B 45 23.00 -27.25 -26.23
C ILE B 45 23.84 -26.45 -25.26
N CYS B 46 24.18 -25.22 -25.64
CA CYS B 46 24.92 -24.34 -24.73
C CYS B 46 24.22 -24.24 -23.38
N HIS B 47 22.89 -24.01 -23.39
CA HIS B 47 22.19 -23.81 -22.14
C HIS B 47 22.18 -25.08 -21.29
N ASP B 48 21.96 -26.23 -21.93
CA ASP B 48 21.98 -27.51 -21.22
C ASP B 48 23.36 -27.81 -20.65
N LEU B 49 24.41 -27.34 -21.33
CA LEU B 49 25.76 -27.52 -20.82
C LEU B 49 25.99 -26.69 -19.56
N PHE B 50 25.63 -25.40 -19.62
CA PHE B 50 25.72 -24.54 -18.44
C PHE B 50 24.95 -25.14 -17.27
N LEU B 51 23.75 -25.68 -17.53
CA LEU B 51 22.95 -26.22 -16.44
C LEU B 51 23.58 -27.49 -15.89
N LEU B 52 24.18 -28.30 -16.77
CA LEU B 52 24.86 -29.52 -16.34
C LEU B 52 26.06 -29.19 -15.46
N LEU B 53 26.91 -28.26 -15.91
CA LEU B 53 27.99 -27.79 -15.06
C LEU B 53 27.44 -27.34 -13.71
N GLY B 54 26.40 -26.50 -13.73
CA GLY B 54 25.79 -26.08 -12.48
C GLY B 54 25.28 -27.26 -11.66
N LYS B 55 24.69 -28.26 -12.33
CA LYS B 55 24.11 -29.38 -11.60
C LYS B 55 25.17 -30.13 -10.80
N TYR B 56 26.34 -30.38 -11.39
CA TYR B 56 27.42 -31.08 -10.72
C TYR B 56 28.34 -30.13 -9.95
N ASN B 57 27.88 -28.91 -9.69
CA ASN B 57 28.61 -27.92 -8.91
C ASN B 57 30.05 -27.75 -9.39
N ILE B 58 30.22 -27.60 -10.71
CA ILE B 58 31.54 -27.31 -11.27
C ILE B 58 31.55 -26.02 -12.07
N LEU B 59 30.63 -25.15 -11.80
CA LEU B 59 30.82 -23.80 -12.29
C LEU B 59 31.87 -23.11 -11.43
N PRO B 60 32.60 -22.14 -12.00
CA PRO B 60 33.46 -21.30 -11.16
C PRO B 60 32.59 -20.50 -10.20
N TYR B 61 33.24 -19.79 -9.29
CA TYR B 61 32.48 -19.12 -8.25
C TYR B 61 33.24 -17.90 -7.76
N ASP B 62 32.48 -16.90 -7.36
CA ASP B 62 32.99 -15.59 -6.98
C ASP B 62 33.35 -15.59 -5.51
N THR B 63 34.61 -15.27 -5.22
CA THR B 63 35.14 -15.19 -3.87
C THR B 63 35.03 -13.78 -3.28
N SER B 64 34.52 -12.81 -4.03
CA SER B 64 34.44 -11.46 -3.51
C SER B 64 33.41 -11.38 -2.38
N ASN B 65 33.70 -10.57 -1.38
CA ASN B 65 32.64 -10.04 -0.54
C ASN B 65 32.20 -8.72 -1.14
N ASP B 66 30.90 -8.57 -1.33
CA ASP B 66 30.37 -7.44 -2.07
C ASP B 66 30.47 -6.17 -1.26
N SER B 67 30.59 -5.06 -1.97
CA SER B 67 30.61 -3.76 -1.31
C SER B 67 29.29 -3.48 -0.62
N ILE B 68 29.37 -3.15 0.68
CA ILE B 68 28.18 -2.81 1.43
C ILE B 68 27.50 -1.56 0.88
N TYR B 69 28.21 -0.78 0.05
CA TYR B 69 27.66 0.45 -0.51
C TYR B 69 26.87 0.21 -1.79
N ALA B 70 26.78 -1.03 -2.26
CA ALA B 70 25.96 -1.39 -3.41
C ALA B 70 24.84 -2.36 -3.04
N CYS B 71 24.57 -2.52 -1.75
CA CYS B 71 23.40 -3.30 -1.39
CA CYS B 71 23.39 -3.26 -1.28
C CYS B 71 22.13 -2.50 -1.68
N THR B 72 21.01 -3.18 -1.67
CA THR B 72 19.74 -2.55 -2.01
C THR B 72 18.64 -3.39 -1.40
N ASN B 73 17.43 -2.84 -1.38
CA ASN B 73 16.32 -3.53 -0.75
C ASN B 73 15.01 -3.22 -1.46
N ILE B 74 14.11 -4.17 -1.41
CA ILE B 74 12.71 -3.97 -1.74
C ILE B 74 11.94 -4.40 -0.49
N LYS B 75 11.35 -3.45 0.21
CA LYS B 75 10.77 -3.69 1.54
C LYS B 75 11.82 -4.47 2.35
N HIS B 76 11.47 -5.59 2.97
CA HIS B 76 12.39 -6.31 3.85
C HIS B 76 13.32 -7.27 3.10
N LEU B 77 13.23 -7.32 1.78
CA LEU B 77 14.16 -8.11 0.97
C LEU B 77 15.49 -7.39 0.92
N ASP B 78 16.51 -7.92 1.60
CA ASP B 78 17.84 -7.31 1.64
C ASP B 78 18.75 -8.03 0.64
N PHE B 79 18.94 -7.41 -0.52
CA PHE B 79 19.83 -7.93 -1.56
C PHE B 79 21.28 -7.60 -1.21
N ILE B 80 22.15 -8.60 -1.17
CA ILE B 80 23.54 -8.32 -0.82
C ILE B 80 24.28 -7.59 -1.95
N ASN B 81 23.76 -7.61 -3.16
CA ASN B 81 24.27 -6.79 -4.25
C ASN B 81 23.11 -6.61 -5.21
N PRO B 82 23.24 -5.74 -6.22
CA PRO B 82 22.04 -5.43 -7.00
C PRO B 82 21.80 -6.26 -8.26
N PHE B 83 22.40 -7.44 -8.37
CA PHE B 83 22.24 -8.24 -9.58
C PHE B 83 21.72 -9.65 -9.27
N GLY B 84 20.65 -10.01 -9.97
CA GLY B 84 20.12 -11.36 -9.92
C GLY B 84 19.94 -11.91 -11.33
N VAL B 85 19.51 -13.16 -11.38
CA VAL B 85 19.26 -13.85 -12.64
C VAL B 85 17.76 -13.88 -12.90
N ALA B 86 17.37 -13.40 -14.07
CA ALA B 86 15.97 -13.26 -14.42
C ALA B 86 15.30 -14.60 -14.62
N ALA B 87 13.97 -14.55 -14.67
CA ALA B 87 13.17 -15.77 -14.87
C ALA B 87 13.44 -16.37 -16.24
N GLY B 88 13.28 -17.69 -16.32
CA GLY B 88 13.48 -18.39 -17.58
C GLY B 88 14.87 -18.92 -17.81
N PHE B 89 15.81 -18.66 -16.91
CA PHE B 89 17.19 -19.12 -17.06
C PHE B 89 17.35 -20.51 -16.41
N ASP B 90 17.07 -20.61 -15.11
CA ASP B 90 16.93 -21.90 -14.43
C ASP B 90 15.43 -22.08 -14.18
N LYS B 91 14.70 -22.48 -15.24
CA LYS B 91 13.25 -22.64 -15.14
C LYS B 91 12.85 -23.56 -14.00
N ASN B 92 13.53 -24.68 -13.86
CA ASN B 92 13.13 -25.75 -12.96
C ASN B 92 13.87 -25.73 -11.64
N GLY B 93 14.72 -24.74 -11.39
CA GLY B 93 15.45 -24.69 -10.14
C GLY B 93 16.42 -25.85 -9.91
N VAL B 94 17.12 -26.27 -10.96
CA VAL B 94 18.03 -27.41 -10.85
C VAL B 94 19.48 -27.05 -10.56
N CYS B 95 19.84 -25.78 -10.59
CA CYS B 95 21.19 -25.45 -10.16
C CYS B 95 21.18 -24.05 -9.56
N ILE B 96 20.31 -23.88 -8.57
CA ILE B 96 20.17 -22.59 -7.90
C ILE B 96 21.47 -22.21 -7.21
N ASP B 97 22.06 -23.14 -6.44
CA ASP B 97 23.26 -22.82 -5.67
C ASP B 97 24.39 -22.34 -6.58
N SER B 98 24.67 -23.11 -7.64
CA SER B 98 25.83 -22.83 -8.49
C SER B 98 25.69 -21.50 -9.21
N ILE B 99 24.48 -21.17 -9.65
CA ILE B 99 24.28 -19.90 -10.34
C ILE B 99 24.48 -18.74 -9.39
N LEU B 100 23.90 -18.82 -8.19
CA LEU B 100 24.10 -17.75 -7.22
C LEU B 100 25.58 -17.57 -6.91
N LYS B 101 26.32 -18.66 -6.74
CA LYS B 101 27.71 -18.56 -6.34
C LYS B 101 28.59 -17.94 -7.42
N LEU B 102 28.08 -17.76 -8.64
CA LEU B 102 28.79 -16.96 -9.62
C LEU B 102 28.92 -15.50 -9.22
N GLY B 103 28.15 -15.04 -8.23
CA GLY B 103 28.23 -13.65 -7.78
C GLY B 103 26.90 -12.94 -7.68
N PHE B 104 25.81 -13.65 -7.92
CA PHE B 104 24.48 -13.04 -7.94
C PHE B 104 23.88 -13.05 -6.54
N SER B 105 23.07 -12.02 -6.25
CA SER B 105 22.38 -11.92 -4.98
C SER B 105 21.04 -12.63 -4.96
N PHE B 106 20.42 -12.89 -6.12
CA PHE B 106 19.16 -13.63 -6.15
C PHE B 106 18.95 -14.26 -7.53
N ILE B 107 17.96 -15.16 -7.57
CA ILE B 107 17.51 -15.80 -8.79
C ILE B 107 16.00 -15.94 -8.73
N GLU B 108 15.37 -15.76 -9.87
CA GLU B 108 13.93 -15.97 -10.05
C GLU B 108 13.80 -17.23 -10.89
N ILE B 109 13.36 -18.32 -10.26
CA ILE B 109 13.12 -19.57 -10.99
C ILE B 109 11.73 -19.54 -11.61
N GLY B 110 11.41 -20.53 -12.46
CA GLY B 110 10.21 -20.42 -13.28
C GLY B 110 10.51 -19.74 -14.61
N THR B 111 9.46 -19.37 -15.34
CA THR B 111 8.07 -19.47 -14.93
C THR B 111 7.57 -20.89 -14.86
N ILE B 112 6.94 -21.23 -13.74
CA ILE B 112 6.36 -22.55 -13.59
C ILE B 112 4.85 -22.47 -13.79
N THR B 113 4.26 -23.62 -14.09
CA THR B 113 2.85 -23.85 -14.27
C THR B 113 2.43 -25.08 -13.46
N PRO B 114 1.14 -25.24 -13.15
CA PRO B 114 0.75 -26.39 -12.31
C PRO B 114 1.17 -27.74 -12.86
N ARG B 115 0.80 -28.06 -14.10
CA ARG B 115 1.30 -29.27 -14.74
C ARG B 115 2.54 -28.93 -15.56
N GLY B 116 3.41 -29.92 -15.74
CA GLY B 116 4.56 -29.75 -16.61
C GLY B 116 4.15 -29.48 -18.04
N GLN B 117 5.12 -29.00 -18.82
CA GLN B 117 4.86 -28.61 -20.20
C GLN B 117 6.15 -28.67 -21.00
N THR B 118 6.08 -29.20 -22.22
CA THR B 118 7.28 -29.27 -23.05
C THR B 118 7.53 -28.00 -23.85
N GLY B 119 6.55 -27.10 -23.94
CA GLY B 119 6.75 -25.83 -24.62
C GLY B 119 6.33 -25.88 -26.06
N ASN B 120 6.60 -24.80 -26.78
CA ASN B 120 6.23 -24.76 -28.20
C ASN B 120 7.30 -25.43 -29.06
N ALA B 121 6.96 -25.62 -30.33
CA ALA B 121 7.80 -26.37 -31.25
C ALA B 121 9.20 -25.76 -31.35
N LYS B 122 10.20 -26.63 -31.45
CA LYS B 122 11.56 -26.21 -31.75
C LYS B 122 11.77 -26.20 -33.25
N PRO B 123 12.77 -25.45 -33.75
CA PRO B 123 13.63 -24.52 -33.00
C PRO B 123 12.89 -23.27 -32.53
N ARG B 124 13.19 -22.81 -31.31
CA ARG B 124 12.43 -21.71 -30.73
C ARG B 124 13.29 -20.70 -29.98
N ILE B 125 14.61 -20.80 -30.04
CA ILE B 125 15.50 -19.80 -29.48
C ILE B 125 16.59 -19.54 -30.51
N PHE B 126 16.95 -18.26 -30.72
CA PHE B 126 18.01 -17.90 -31.65
C PHE B 126 18.75 -16.69 -31.11
N ARG B 127 20.08 -16.75 -31.19
CA ARG B 127 20.95 -15.69 -30.73
C ARG B 127 21.49 -14.90 -31.91
N ASP B 128 21.78 -13.63 -31.66
CA ASP B 128 22.47 -12.78 -32.62
C ASP B 128 23.61 -12.13 -31.84
N VAL B 129 24.84 -12.62 -32.06
CA VAL B 129 25.95 -12.20 -31.22
C VAL B 129 26.28 -10.73 -31.48
N GLU B 130 26.16 -10.28 -32.72
CA GLU B 130 26.57 -8.93 -33.08
C GLU B 130 25.73 -7.88 -32.38
N SER B 131 24.41 -8.08 -32.33
CA SER B 131 23.51 -7.18 -31.63
C SER B 131 23.27 -7.60 -30.18
N ARG B 132 23.96 -8.63 -29.71
CA ARG B 132 23.81 -9.14 -28.35
C ARG B 132 22.34 -9.29 -27.99
N SER B 133 21.60 -9.98 -28.87
CA SER B 133 20.16 -10.07 -28.74
C SER B 133 19.72 -11.51 -28.96
N ILE B 134 18.59 -11.85 -28.33
CA ILE B 134 17.97 -13.17 -28.39
C ILE B 134 16.51 -12.98 -28.75
N ILE B 135 15.97 -13.94 -29.49
CA ILE B 135 14.53 -14.02 -29.74
C ILE B 135 14.08 -15.43 -29.40
N ASN B 136 12.91 -15.56 -28.78
CA ASN B 136 12.48 -16.86 -28.31
C ASN B 136 10.96 -16.97 -28.36
N SER B 137 10.49 -18.18 -28.69
CA SER B 137 9.10 -18.57 -28.55
C SER B 137 8.98 -19.82 -27.68
N CYS B 138 9.54 -19.78 -26.47
CA CYS B 138 9.66 -21.01 -25.67
C CYS B 138 8.29 -21.58 -25.28
N GLY B 139 7.44 -20.77 -24.67
CA GLY B 139 6.13 -21.23 -24.21
C GLY B 139 6.10 -21.96 -22.89
N PHE B 140 6.77 -21.42 -21.88
CA PHE B 140 6.66 -21.87 -20.49
C PHE B 140 6.98 -23.36 -20.33
N ASN B 141 8.00 -23.86 -21.01
CA ASN B 141 8.45 -25.23 -20.77
C ASN B 141 8.96 -25.36 -19.33
N ASN B 142 8.43 -26.32 -18.57
CA ASN B 142 8.90 -26.56 -17.21
C ASN B 142 8.41 -27.93 -16.75
N MET B 143 9.04 -28.45 -15.67
CA MET B 143 8.68 -29.77 -15.14
C MET B 143 7.39 -29.76 -14.34
N GLY B 144 6.81 -28.58 -14.13
CA GLY B 144 5.60 -28.44 -13.35
C GLY B 144 5.88 -28.07 -11.91
N CYS B 145 4.88 -27.42 -11.30
CA CYS B 145 5.02 -26.86 -9.97
C CYS B 145 5.50 -27.90 -8.95
N ASP B 146 4.93 -29.10 -8.98
CA ASP B 146 5.20 -30.06 -7.92
C ASP B 146 6.66 -30.51 -7.95
N LYS B 147 7.20 -30.76 -9.13
CA LYS B 147 8.59 -31.17 -9.23
C LYS B 147 9.55 -30.03 -8.94
N VAL B 148 9.23 -28.83 -9.43
CA VAL B 148 10.10 -27.69 -9.15
C VAL B 148 10.06 -27.38 -7.66
N THR B 149 8.92 -27.58 -7.00
CA THR B 149 8.88 -27.40 -5.56
C THR B 149 9.87 -28.33 -4.86
N GLU B 150 9.94 -29.58 -5.32
CA GLU B 150 10.90 -30.53 -4.74
C GLU B 150 12.32 -29.99 -4.84
N ASN B 151 12.69 -29.47 -6.01
CA ASN B 151 14.01 -28.93 -6.21
C ASN B 151 14.26 -27.74 -5.30
N LEU B 152 13.25 -26.87 -5.15
CA LEU B 152 13.44 -25.71 -4.30
C LEU B 152 13.56 -26.12 -2.84
N ILE B 153 12.83 -27.16 -2.42
CA ILE B 153 12.94 -27.61 -1.05
C ILE B 153 14.35 -28.13 -0.77
N LEU B 154 14.93 -28.85 -1.73
CA LEU B 154 16.28 -29.36 -1.54
C LEU B 154 17.26 -28.21 -1.37
N PHE B 155 17.08 -27.15 -2.16
CA PHE B 155 17.89 -25.96 -1.97
C PHE B 155 17.69 -25.37 -0.58
N ARG B 156 16.42 -25.21 -0.16
CA ARG B 156 16.15 -24.59 1.13
C ARG B 156 16.76 -25.41 2.27
N LYS B 157 16.79 -26.75 2.12
CA LYS B 157 17.45 -27.58 3.13
C LYS B 157 18.96 -27.38 3.12
N ARG B 158 19.57 -27.32 1.93
CA ARG B 158 21.01 -27.06 1.88
C ARG B 158 21.33 -25.69 2.43
N GLN B 159 20.48 -24.70 2.14
CA GLN B 159 20.72 -23.34 2.61
C GLN B 159 20.73 -23.27 4.12
N GLU B 160 19.82 -24.00 4.78
CA GLU B 160 19.79 -24.01 6.24
C GLU B 160 21.04 -24.61 6.85
N GLU B 161 21.91 -25.25 6.05
CA GLU B 161 23.14 -25.87 6.54
C GLU B 161 24.40 -25.28 5.93
N ASP B 162 24.30 -24.14 5.24
CA ASP B 162 25.44 -23.58 4.51
C ASP B 162 25.33 -22.07 4.68
N LYS B 163 25.94 -21.55 5.75
CA LYS B 163 25.79 -20.13 6.07
C LYS B 163 26.12 -19.24 4.88
N LEU B 164 26.96 -19.73 3.96
CA LEU B 164 27.35 -18.93 2.80
C LEU B 164 26.19 -18.63 1.86
N LEU B 165 25.04 -19.28 2.01
CA LEU B 165 23.90 -18.99 1.16
C LEU B 165 22.74 -18.35 1.92
N SER B 166 22.93 -18.01 3.19
CA SER B 166 21.81 -17.66 4.06
C SER B 166 21.15 -16.35 3.69
N LYS B 167 21.87 -15.45 3.01
CA LYS B 167 21.32 -14.16 2.61
C LYS B 167 20.85 -14.13 1.17
N HIS B 168 21.14 -15.15 0.36
CA HIS B 168 20.74 -15.15 -1.03
C HIS B 168 19.22 -15.36 -1.13
N ILE B 169 18.62 -14.73 -2.15
CA ILE B 169 17.16 -14.66 -2.30
C ILE B 169 16.72 -15.49 -3.49
N VAL B 170 15.58 -16.19 -3.35
CA VAL B 170 15.00 -16.96 -4.45
C VAL B 170 13.53 -16.56 -4.58
N GLY B 171 13.17 -15.99 -5.73
CA GLY B 171 11.79 -15.77 -6.07
C GLY B 171 11.32 -16.79 -7.10
N VAL B 172 10.00 -16.91 -7.22
CA VAL B 172 9.39 -17.89 -8.10
C VAL B 172 8.39 -17.19 -9.02
N SER B 173 8.61 -17.30 -10.32
CA SER B 173 7.67 -16.78 -11.32
C SER B 173 6.62 -17.86 -11.58
N ILE B 174 5.34 -17.48 -11.55
CA ILE B 174 4.25 -18.42 -11.74
C ILE B 174 3.35 -17.96 -12.88
N GLY B 175 2.77 -18.92 -13.60
CA GLY B 175 1.88 -18.66 -14.71
C GLY B 175 0.86 -19.77 -14.88
N LYS B 176 0.14 -19.79 -16.01
CA LYS B 176 -0.85 -20.82 -16.23
C LYS B 176 -0.39 -21.80 -17.30
N ASN B 177 -0.91 -23.02 -17.22
CA ASN B 177 -0.77 -23.95 -18.34
C ASN B 177 -1.48 -23.38 -19.55
N LYS B 178 -1.00 -23.78 -20.73
CA LYS B 178 -1.50 -23.23 -21.98
C LYS B 178 -3.02 -23.41 -22.12
N ASP B 179 -3.56 -24.55 -21.71
CA ASP B 179 -4.96 -24.83 -21.95
C ASP B 179 -5.87 -24.46 -20.78
N THR B 180 -5.33 -23.92 -19.69
CA THR B 180 -6.18 -23.49 -18.58
C THR B 180 -7.02 -22.29 -19.00
N VAL B 181 -8.28 -22.29 -18.57
CA VAL B 181 -9.18 -21.21 -18.97
C VAL B 181 -9.06 -20.02 -18.04
N ASN B 182 -9.10 -20.25 -16.72
CA ASN B 182 -8.98 -19.14 -15.76
C ASN B 182 -7.60 -19.17 -15.13
N ILE B 183 -6.78 -18.21 -15.52
CA ILE B 183 -5.43 -18.05 -14.98
C ILE B 183 -5.43 -18.19 -13.46
N VAL B 184 -6.45 -17.66 -12.78
CA VAL B 184 -6.34 -17.54 -11.32
C VAL B 184 -6.26 -18.91 -10.66
N ASP B 185 -7.00 -19.89 -11.17
CA ASP B 185 -6.92 -21.24 -10.64
C ASP B 185 -5.49 -21.76 -10.65
N ASP B 186 -4.77 -21.54 -11.75
CA ASP B 186 -3.39 -22.04 -11.82
C ASP B 186 -2.49 -21.25 -10.87
N LEU B 187 -2.71 -19.95 -10.75
CA LEU B 187 -1.87 -19.17 -9.83
C LEU B 187 -2.06 -19.64 -8.39
N LYS B 188 -3.31 -19.92 -7.99
CA LYS B 188 -3.54 -20.37 -6.62
C LYS B 188 -2.88 -21.71 -6.37
N TYR B 189 -2.91 -22.59 -7.38
CA TYR B 189 -2.31 -23.91 -7.20
C TYR B 189 -0.84 -23.78 -6.89
N CYS B 190 -0.13 -22.94 -7.66
CA CYS B 190 1.31 -22.78 -7.42
C CYS B 190 1.57 -22.17 -6.06
N ILE B 191 0.72 -21.20 -5.65
CA ILE B 191 0.95 -20.55 -4.36
C ILE B 191 0.85 -21.57 -3.24
N ASN B 192 -0.16 -22.44 -3.30
CA ASN B 192 -0.38 -23.38 -2.21
C ASN B 192 0.67 -24.46 -2.16
N LYS B 193 1.43 -24.67 -3.22
CA LYS B 193 2.46 -25.69 -3.20
C LYS B 193 3.85 -25.12 -2.99
N ILE B 194 4.20 -24.01 -3.63
CA ILE B 194 5.57 -23.51 -3.54
C ILE B 194 5.70 -22.19 -2.81
N GLY B 195 4.60 -21.51 -2.49
CA GLY B 195 4.72 -20.17 -1.94
C GLY B 195 5.47 -20.13 -0.63
N ARG B 196 5.33 -21.17 0.19
CA ARG B 196 6.00 -21.23 1.49
C ARG B 196 7.52 -21.28 1.36
N TYR B 197 8.05 -21.59 0.18
CA TYR B 197 9.48 -21.70 -0.03
C TYR B 197 10.07 -20.54 -0.80
N ALA B 198 9.25 -19.53 -1.12
CA ALA B 198 9.63 -18.43 -1.97
C ALA B 198 9.79 -17.15 -1.15
N ASP B 199 10.79 -16.36 -1.52
CA ASP B 199 10.96 -15.03 -0.95
C ASP B 199 10.02 -14.02 -1.58
N TYR B 200 9.70 -14.20 -2.86
CA TYR B 200 8.70 -13.41 -3.53
C TYR B 200 8.13 -14.29 -4.64
N ILE B 201 6.93 -13.94 -5.05
CA ILE B 201 6.23 -14.55 -6.17
C ILE B 201 6.12 -13.53 -7.27
N ALA B 202 6.57 -13.88 -8.47
CA ALA B 202 6.44 -13.01 -9.64
C ALA B 202 5.29 -13.51 -10.50
N ILE B 203 4.38 -12.60 -10.82
CA ILE B 203 3.20 -12.93 -11.58
C ILE B 203 3.44 -12.53 -13.02
N ASN B 204 3.48 -13.54 -13.85
CA ASN B 204 3.77 -13.38 -15.25
C ASN B 204 2.47 -13.23 -16.00
N VAL B 205 2.12 -11.98 -16.26
CA VAL B 205 1.06 -11.57 -17.17
C VAL B 205 1.70 -10.94 -18.40
N SER B 206 2.95 -11.32 -18.71
CA SER B 206 3.73 -10.64 -19.74
C SER B 206 4.37 -11.53 -20.81
N SER B 207 4.39 -12.86 -20.65
CA SER B 207 5.01 -13.68 -21.68
C SER B 207 4.26 -13.49 -23.00
N PRO B 208 4.96 -13.33 -24.13
CA PRO B 208 4.27 -13.29 -25.43
C PRO B 208 4.05 -14.66 -26.07
N ASN B 209 4.37 -15.75 -25.39
CA ASN B 209 4.43 -17.05 -26.04
C ASN B 209 3.41 -18.04 -25.51
N THR B 210 2.54 -17.64 -24.60
CA THR B 210 1.35 -18.41 -24.23
C THR B 210 0.11 -17.65 -24.70
N PRO B 211 -0.67 -18.17 -25.65
CA PRO B 211 -1.76 -17.38 -26.22
C PRO B 211 -2.68 -16.79 -25.17
N GLY B 212 -3.12 -15.56 -25.42
CA GLY B 212 -4.06 -14.88 -24.55
C GLY B 212 -3.48 -14.31 -23.26
N LEU B 213 -2.31 -14.78 -22.82
CA LEU B 213 -1.83 -14.46 -21.49
C LEU B 213 -1.68 -12.96 -21.26
N ARG B 214 -1.14 -12.24 -22.25
CA ARG B 214 -0.84 -10.83 -22.07
C ARG B 214 -2.09 -9.97 -21.88
N ASP B 215 -3.27 -10.44 -22.32
CA ASP B 215 -4.50 -9.68 -22.15
C ASP B 215 -4.98 -9.63 -20.70
N ASN B 216 -4.34 -10.37 -19.79
CA ASN B 216 -4.63 -10.24 -18.36
C ASN B 216 -4.13 -8.94 -17.77
N GLN B 217 -3.37 -8.16 -18.53
CA GLN B 217 -2.88 -6.85 -18.12
C GLN B 217 -3.95 -5.76 -18.24
N GLU B 218 -5.20 -6.12 -18.52
CA GLU B 218 -6.32 -5.17 -18.44
C GLU B 218 -6.72 -4.96 -16.98
N ALA B 219 -7.24 -3.75 -16.68
CA ALA B 219 -7.30 -3.28 -15.30
C ALA B 219 -8.20 -4.13 -14.41
N GLY B 220 -9.45 -4.35 -14.83
CA GLY B 220 -10.34 -5.17 -14.01
C GLY B 220 -9.81 -6.56 -13.77
N LYS B 221 -9.37 -7.22 -14.85
CA LYS B 221 -8.79 -8.56 -14.72
C LYS B 221 -7.56 -8.54 -13.82
N LEU B 222 -6.68 -7.56 -14.03
CA LEU B 222 -5.43 -7.53 -13.27
C LEU B 222 -5.71 -7.37 -11.78
N LYS B 223 -6.63 -6.47 -11.43
CA LYS B 223 -6.94 -6.24 -10.01
C LYS B 223 -7.44 -7.53 -9.36
N ASN B 224 -8.39 -8.22 -10.01
CA ASN B 224 -8.86 -9.48 -9.45
C ASN B 224 -7.73 -10.48 -9.28
N ILE B 225 -6.82 -10.58 -10.26
CA ILE B 225 -5.71 -11.52 -10.15
C ILE B 225 -4.82 -11.17 -8.96
N ILE B 226 -4.45 -9.90 -8.84
CA ILE B 226 -3.57 -9.51 -7.74
C ILE B 226 -4.23 -9.81 -6.41
N LEU B 227 -5.50 -9.43 -6.25
CA LEU B 227 -6.16 -9.60 -4.96
C LEU B 227 -6.34 -11.09 -4.63
N SER B 228 -6.68 -11.91 -5.63
CA SER B 228 -6.79 -13.34 -5.39
C SER B 228 -5.44 -13.93 -5.00
N VAL B 229 -4.38 -13.49 -5.65
CA VAL B 229 -3.05 -13.99 -5.35
C VAL B 229 -2.65 -13.62 -3.93
N LYS B 230 -2.87 -12.37 -3.55
CA LYS B 230 -2.50 -11.92 -2.20
C LYS B 230 -3.36 -12.62 -1.15
N GLU B 231 -4.65 -12.81 -1.43
CA GLU B 231 -5.51 -13.50 -0.48
C GLU B 231 -5.10 -14.96 -0.32
N GLU B 232 -4.68 -15.60 -1.41
CA GLU B 232 -4.20 -16.97 -1.28
C GLU B 232 -2.89 -17.04 -0.49
N ILE B 233 -1.96 -16.10 -0.72
CA ILE B 233 -0.72 -16.08 0.06
C ILE B 233 -1.04 -15.86 1.53
N ASP B 234 -1.84 -14.83 1.82
CA ASP B 234 -2.20 -14.51 3.20
C ASP B 234 -2.91 -15.68 3.88
N ASN B 235 -3.62 -16.52 3.12
CA ASN B 235 -4.32 -17.66 3.72
C ASN B 235 -3.36 -18.79 4.12
N LEU B 236 -2.12 -18.78 3.59
CA LEU B 236 -1.18 -19.86 3.90
C LEU B 236 -0.96 -19.95 5.41
N GLU B 237 -0.95 -18.81 6.10
CA GLU B 237 -0.76 -18.78 7.55
C GLU B 237 -1.81 -19.61 8.27
N LYS B 238 -3.07 -19.52 7.86
CA LYS B 238 -4.15 -20.22 8.54
C LYS B 238 -4.21 -21.72 8.29
N PHE B 246 3.28 -21.53 10.87
CA PHE B 246 3.52 -20.09 10.85
C PHE B 246 4.97 -19.79 10.47
N LEU B 247 5.70 -20.83 10.07
CA LEU B 247 7.11 -20.72 9.70
C LEU B 247 7.27 -20.75 8.18
N TRP B 248 7.97 -19.75 7.66
CA TRP B 248 8.26 -19.64 6.24
C TRP B 248 9.62 -20.27 5.97
N PHE B 249 9.66 -21.17 4.99
CA PHE B 249 10.88 -21.93 4.67
C PHE B 249 11.62 -21.27 3.51
N ASN B 250 11.94 -20.00 3.71
CA ASN B 250 12.61 -19.20 2.69
C ASN B 250 13.78 -18.47 3.35
N THR B 251 14.24 -17.40 2.69
CA THR B 251 15.33 -16.59 3.23
C THR B 251 14.81 -15.57 4.23
N THR B 252 13.76 -14.85 3.85
CA THR B 252 13.24 -13.77 4.68
C THR B 252 12.61 -14.26 5.96
N LYS B 253 12.16 -15.51 5.99
CA LYS B 253 11.33 -16.02 7.07
C LYS B 253 10.01 -15.24 7.20
N LYS B 254 9.60 -14.59 6.12
CA LYS B 254 8.32 -13.89 6.04
C LYS B 254 7.53 -14.36 4.82
N LYS B 255 6.23 -14.11 4.82
CA LYS B 255 5.43 -14.47 3.65
C LYS B 255 6.02 -13.80 2.41
N PRO B 256 5.91 -14.43 1.26
CA PRO B 256 6.53 -13.87 0.05
C PRO B 256 5.86 -12.57 -0.38
N LEU B 257 6.68 -11.64 -0.86
CA LEU B 257 6.20 -10.46 -1.55
C LEU B 257 5.61 -10.85 -2.91
N VAL B 258 4.85 -9.93 -3.51
CA VAL B 258 4.20 -10.16 -4.78
C VAL B 258 4.68 -9.12 -5.77
N PHE B 259 5.27 -9.57 -6.87
CA PHE B 259 5.69 -8.71 -7.96
C PHE B 259 4.85 -9.02 -9.20
N VAL B 260 4.62 -8.01 -10.04
CA VAL B 260 4.06 -8.22 -11.36
C VAL B 260 5.17 -7.96 -12.37
N LYS B 261 5.25 -8.80 -13.40
CA LYS B 261 6.17 -8.58 -14.50
C LYS B 261 5.37 -8.05 -15.69
N LEU B 262 5.74 -6.88 -16.18
CA LEU B 262 4.99 -6.21 -17.24
C LEU B 262 5.65 -6.40 -18.60
N ALA B 263 4.85 -6.56 -19.61
CA ALA B 263 5.31 -6.54 -20.97
C ALA B 263 5.48 -5.10 -21.45
N PRO B 264 6.49 -4.83 -22.27
CA PRO B 264 6.75 -3.45 -22.72
C PRO B 264 5.85 -3.00 -23.86
N ASP B 265 5.03 -3.89 -24.42
CA ASP B 265 4.22 -3.58 -25.60
C ASP B 265 2.81 -3.25 -25.13
N LEU B 266 2.68 -2.04 -24.60
CA LEU B 266 1.41 -1.50 -24.11
C LEU B 266 1.33 -0.07 -24.58
N ASN B 267 0.12 0.45 -24.70
CA ASN B 267 0.01 1.89 -24.97
C ASN B 267 -0.01 2.66 -23.65
N GLN B 268 0.00 3.99 -23.76
CA GLN B 268 0.11 4.83 -22.57
C GLN B 268 -1.15 4.76 -21.71
N GLU B 269 -2.31 4.59 -22.34
CA GLU B 269 -3.55 4.44 -21.56
C GLU B 269 -3.50 3.17 -20.72
N GLN B 270 -2.96 2.09 -21.28
CA GLN B 270 -2.90 0.84 -20.53
C GLN B 270 -1.91 0.94 -19.37
N LYS B 271 -0.76 1.59 -19.60
CA LYS B 271 0.24 1.73 -18.56
C LYS B 271 -0.31 2.48 -17.34
N LYS B 272 -1.06 3.57 -17.58
CA LYS B 272 -1.60 4.33 -16.45
C LYS B 272 -2.73 3.57 -15.79
N GLU B 273 -3.54 2.83 -16.56
CA GLU B 273 -4.53 1.96 -15.95
C GLU B 273 -3.87 0.93 -15.04
N ILE B 274 -2.82 0.26 -15.53
CA ILE B 274 -2.10 -0.69 -14.68
C ILE B 274 -1.55 -0.01 -13.43
N ALA B 275 -0.96 1.17 -13.60
CA ALA B 275 -0.38 1.87 -12.45
C ALA B 275 -1.42 2.12 -11.37
N ASP B 276 -2.63 2.57 -11.77
CA ASP B 276 -3.65 2.83 -10.77
C ASP B 276 -4.00 1.55 -10.01
N VAL B 277 -4.05 0.42 -10.71
CA VAL B 277 -4.40 -0.85 -10.05
C VAL B 277 -3.31 -1.27 -9.08
N LEU B 278 -2.05 -1.05 -9.46
CA LEU B 278 -0.95 -1.49 -8.59
C LEU B 278 -0.90 -0.66 -7.31
N LEU B 279 -1.26 0.63 -7.39
CA LEU B 279 -1.36 1.45 -6.19
C LEU B 279 -2.49 0.99 -5.29
N GLU B 280 -3.65 0.65 -5.89
CA GLU B 280 -4.81 0.31 -5.06
C GLU B 280 -4.61 -1.03 -4.37
N THR B 281 -4.04 -2.01 -5.07
CA THR B 281 -3.83 -3.36 -4.56
C THR B 281 -2.54 -3.53 -3.78
N ASN B 282 -1.66 -2.53 -3.78
CA ASN B 282 -0.44 -2.58 -2.96
C ASN B 282 0.48 -3.72 -3.39
N ILE B 283 0.71 -3.83 -4.70
CA ILE B 283 1.73 -4.76 -5.19
C ILE B 283 3.07 -4.33 -4.60
N ASP B 284 3.97 -5.30 -4.37
CA ASP B 284 5.22 -4.95 -3.70
C ASP B 284 6.32 -4.52 -4.66
N GLY B 285 6.16 -4.77 -5.95
CA GLY B 285 7.17 -4.40 -6.90
C GLY B 285 6.69 -4.71 -8.29
N MET B 286 7.32 -4.06 -9.26
CA MET B 286 7.06 -4.36 -10.65
C MET B 286 8.37 -4.62 -11.38
N ILE B 287 8.41 -5.74 -12.07
CA ILE B 287 9.54 -6.14 -12.88
C ILE B 287 9.32 -5.56 -14.27
N ILE B 288 10.19 -4.65 -14.66
CA ILE B 288 10.06 -3.92 -15.92
C ILE B 288 11.38 -4.13 -16.66
N SER B 289 11.39 -4.95 -17.72
CA SER B 289 10.23 -5.56 -18.35
C SER B 289 10.53 -6.92 -18.96
N ASN B 290 9.48 -7.54 -19.50
CA ASN B 290 9.62 -8.76 -20.28
C ASN B 290 10.08 -8.40 -21.70
N THR B 291 10.15 -9.42 -22.55
CA THR B 291 10.59 -9.27 -23.94
C THR B 291 9.61 -8.42 -24.74
N THR B 292 10.09 -7.92 -25.89
CA THR B 292 9.29 -7.09 -26.78
C THR B 292 9.04 -7.79 -28.12
N THR B 293 7.90 -7.46 -28.73
CA THR B 293 7.58 -7.89 -30.09
C THR B 293 7.77 -6.79 -31.11
N GLN B 294 8.38 -5.66 -30.71
CA GLN B 294 8.46 -4.51 -31.60
C GLN B 294 9.63 -4.60 -32.57
N ILE B 295 10.75 -5.18 -32.14
CA ILE B 295 12.01 -4.96 -32.83
C ILE B 295 12.04 -5.67 -34.17
N ASN B 296 12.43 -4.93 -35.22
CA ASN B 296 12.40 -5.44 -36.58
C ASN B 296 13.71 -5.26 -37.34
N ASP B 297 14.76 -4.71 -36.72
CA ASP B 297 15.96 -4.33 -37.44
C ASP B 297 17.13 -5.27 -37.15
N ILE B 298 16.86 -6.51 -36.74
CA ILE B 298 17.86 -7.56 -36.63
C ILE B 298 17.61 -8.51 -37.79
N LYS B 299 18.50 -8.47 -38.79
CA LYS B 299 18.33 -9.25 -40.01
C LYS B 299 17.99 -10.70 -39.71
N SER B 300 18.86 -11.39 -38.97
CA SER B 300 18.70 -12.83 -38.75
C SER B 300 17.47 -13.18 -37.91
N PHE B 301 16.69 -12.20 -37.44
CA PHE B 301 15.45 -12.48 -36.72
C PHE B 301 14.20 -12.27 -37.58
N GLU B 302 14.36 -11.75 -38.80
CA GLU B 302 13.22 -11.51 -39.69
C GLU B 302 12.48 -12.81 -39.97
N ASN B 303 11.15 -12.77 -39.86
CA ASN B 303 10.32 -13.97 -40.00
C ASN B 303 10.71 -15.06 -39.00
N LYS B 304 11.17 -14.66 -37.82
CA LYS B 304 11.23 -15.55 -36.66
C LYS B 304 10.25 -15.00 -35.63
N LYS B 305 9.57 -15.90 -34.92
CA LYS B 305 8.53 -15.51 -33.99
C LYS B 305 9.07 -15.42 -32.56
N GLY B 306 8.51 -14.47 -31.78
CA GLY B 306 8.72 -14.43 -30.35
C GLY B 306 9.11 -13.07 -29.86
N GLY B 307 9.48 -13.00 -28.58
CA GLY B 307 9.94 -11.76 -27.99
C GLY B 307 11.45 -11.63 -28.07
N VAL B 308 11.92 -10.39 -28.11
CA VAL B 308 13.35 -10.10 -28.23
C VAL B 308 13.87 -9.68 -26.87
N SER B 309 15.02 -10.25 -26.49
CA SER B 309 15.80 -9.94 -25.30
C SER B 309 17.12 -9.30 -25.72
N GLY B 310 17.80 -8.67 -24.76
CA GLY B 310 19.16 -8.22 -24.98
C GLY B 310 19.30 -6.74 -25.25
N ALA B 311 20.42 -6.39 -25.90
CA ALA B 311 20.81 -4.99 -26.04
C ALA B 311 19.73 -4.16 -26.72
N LYS B 312 19.00 -4.76 -27.68
CA LYS B 312 17.97 -4.04 -28.42
C LYS B 312 16.71 -3.81 -27.60
N LEU B 313 16.59 -4.45 -26.45
CA LEU B 313 15.51 -4.15 -25.53
C LEU B 313 15.88 -3.04 -24.53
N LYS B 314 17.15 -2.65 -24.44
CA LYS B 314 17.57 -1.83 -23.31
C LYS B 314 16.79 -0.51 -23.29
N ASP B 315 16.78 0.20 -24.41
CA ASP B 315 16.23 1.56 -24.43
C ASP B 315 14.71 1.53 -24.19
N ILE B 316 14.02 0.58 -24.82
CA ILE B 316 12.57 0.44 -24.63
C ILE B 316 12.24 0.22 -23.17
N SER B 317 12.95 -0.70 -22.51
CA SER B 317 12.60 -1.03 -21.14
C SER B 317 13.02 0.09 -20.18
N THR B 318 14.15 0.74 -20.43
CA THR B 318 14.52 1.87 -19.57
C THR B 318 13.45 2.95 -19.61
N LYS B 319 12.96 3.28 -20.81
CA LYS B 319 11.90 4.28 -20.92
C LYS B 319 10.66 3.86 -20.17
N PHE B 320 10.27 2.58 -20.30
CA PHE B 320 9.16 2.02 -19.57
C PHE B 320 9.35 2.16 -18.07
N ILE B 321 10.58 2.00 -17.59
CA ILE B 321 10.83 2.20 -16.15
C ILE B 321 10.51 3.64 -15.78
N CYS B 322 10.98 4.60 -16.57
CA CYS B 322 10.71 6.01 -16.28
C CYS B 322 9.22 6.30 -16.25
N GLU B 323 8.47 5.72 -17.18
CA GLU B 323 7.03 6.00 -17.25
C GLU B 323 6.30 5.42 -16.04
N MET B 324 6.54 4.14 -15.74
CA MET B 324 5.84 3.52 -14.63
C MET B 324 6.27 4.10 -13.29
N TYR B 325 7.56 4.45 -13.13
CA TYR B 325 8.01 5.11 -11.91
C TYR B 325 7.17 6.34 -11.63
N ASN B 326 6.84 7.12 -12.67
CA ASN B 326 6.07 8.34 -12.48
C ASN B 326 4.56 8.09 -12.43
N TYR B 327 4.06 7.12 -13.19
CA TYR B 327 2.63 6.81 -13.11
C TYR B 327 2.25 6.25 -11.75
N THR B 328 3.14 5.49 -11.11
CA THR B 328 2.90 5.02 -9.75
C THR B 328 3.40 6.02 -8.71
N ASN B 329 3.75 7.24 -9.12
CA ASN B 329 4.16 8.28 -8.18
C ASN B 329 5.27 7.79 -7.24
N LYS B 330 6.13 6.92 -7.75
CA LYS B 330 7.35 6.48 -7.07
C LYS B 330 7.07 5.59 -5.87
N GLN B 331 5.84 5.06 -5.78
CA GLN B 331 5.41 4.26 -4.65
C GLN B 331 5.64 2.76 -4.82
N ILE B 332 5.99 2.30 -6.02
CA ILE B 332 6.11 0.86 -6.31
C ILE B 332 7.55 0.57 -6.72
N PRO B 333 8.32 -0.11 -5.87
CA PRO B 333 9.70 -0.45 -6.24
C PRO B 333 9.78 -1.17 -7.57
N ILE B 334 10.89 -0.98 -8.26
CA ILE B 334 11.07 -1.49 -9.61
C ILE B 334 12.24 -2.47 -9.66
N ILE B 335 12.00 -3.62 -10.28
CA ILE B 335 13.03 -4.58 -10.66
C ILE B 335 13.29 -4.42 -12.14
N ALA B 336 14.50 -4.01 -12.52
CA ALA B 336 14.83 -3.78 -13.91
C ALA B 336 15.25 -5.05 -14.65
N SER B 337 14.71 -5.21 -15.85
CA SER B 337 15.06 -6.33 -16.73
C SER B 337 15.04 -5.82 -18.16
N GLY B 338 16.15 -6.00 -18.87
CA GLY B 338 16.19 -5.67 -20.27
C GLY B 338 17.47 -4.98 -20.70
N GLY B 339 18.35 -5.73 -21.37
CA GLY B 339 19.53 -5.15 -22.00
C GLY B 339 20.62 -4.70 -21.05
N ILE B 340 20.69 -5.27 -19.85
CA ILE B 340 21.70 -4.89 -18.88
C ILE B 340 22.93 -5.77 -19.08
N PHE B 341 24.05 -5.13 -19.44
CA PHE B 341 25.31 -5.84 -19.62
C PHE B 341 26.46 -5.24 -18.82
N SER B 342 26.43 -3.92 -18.60
CA SER B 342 27.56 -3.20 -18.03
C SER B 342 27.15 -2.48 -16.76
N GLY B 343 28.14 -1.96 -16.03
CA GLY B 343 27.84 -1.13 -14.89
C GLY B 343 27.08 0.12 -15.29
N LEU B 344 27.41 0.66 -16.46
CA LEU B 344 26.72 1.84 -16.97
C LEU B 344 25.26 1.54 -17.25
N ASP B 345 24.99 0.43 -17.97
CA ASP B 345 23.62 0.00 -18.20
C ASP B 345 22.85 -0.09 -16.89
N ALA B 346 23.46 -0.70 -15.87
CA ALA B 346 22.77 -0.90 -14.61
C ALA B 346 22.49 0.44 -13.91
N LEU B 347 23.44 1.36 -13.92
CA LEU B 347 23.23 2.67 -13.30
C LEU B 347 22.14 3.46 -14.03
N GLU B 348 22.06 3.31 -15.36
CA GLU B 348 20.94 3.86 -16.12
C GLU B 348 19.61 3.35 -15.56
N LYS B 349 19.45 2.04 -15.44
CA LYS B 349 18.21 1.49 -14.89
C LYS B 349 17.91 2.08 -13.51
N ILE B 350 18.93 2.09 -12.64
CA ILE B 350 18.74 2.55 -11.27
C ILE B 350 18.35 4.02 -11.23
N GLU B 351 19.09 4.86 -11.95
CA GLU B 351 18.76 6.28 -12.00
C GLU B 351 17.39 6.52 -12.63
N ALA B 352 16.93 5.61 -13.50
CA ALA B 352 15.59 5.72 -14.05
C ALA B 352 14.51 5.36 -13.05
N GLY B 353 14.86 4.65 -11.98
CA GLY B 353 13.90 4.33 -10.95
C GLY B 353 13.99 2.93 -10.38
N ALA B 354 14.94 2.13 -10.85
CA ALA B 354 15.04 0.75 -10.42
C ALA B 354 15.81 0.65 -9.11
N SER B 355 15.38 -0.28 -8.26
CA SER B 355 16.12 -0.60 -7.06
C SER B 355 17.09 -1.76 -7.25
N VAL B 356 16.87 -2.59 -8.27
CA VAL B 356 17.64 -3.81 -8.44
C VAL B 356 17.54 -4.25 -9.89
N CYS B 357 18.51 -5.05 -10.32
CA CYS B 357 18.64 -5.44 -11.72
C CYS B 357 18.60 -6.95 -11.88
N GLN B 358 18.00 -7.41 -12.97
CA GLN B 358 18.07 -8.81 -13.35
C GLN B 358 18.79 -8.96 -14.68
N LEU B 359 19.62 -10.00 -14.77
CA LEU B 359 20.35 -10.34 -15.98
C LEU B 359 19.85 -11.65 -16.58
N TYR B 360 19.93 -11.74 -17.91
CA TYR B 360 19.65 -12.97 -18.64
C TYR B 360 20.61 -13.01 -19.82
N SER B 361 20.38 -12.12 -20.79
CA SER B 361 21.22 -12.08 -21.98
C SER B 361 22.70 -11.87 -21.63
N CYS B 362 23.00 -11.12 -20.58
CA CYS B 362 24.40 -10.93 -20.19
C CYS B 362 25.08 -12.27 -19.93
N LEU B 363 24.41 -13.20 -19.23
CA LEU B 363 25.03 -14.50 -18.96
C LEU B 363 25.30 -15.26 -20.25
N VAL B 364 24.42 -15.10 -21.24
CA VAL B 364 24.59 -15.76 -22.54
C VAL B 364 25.83 -15.22 -23.25
N PHE B 365 25.96 -13.90 -23.34
CA PHE B 365 27.01 -13.32 -24.15
C PHE B 365 28.29 -13.06 -23.37
N ASN B 366 28.21 -12.87 -22.05
CA ASN B 366 29.41 -12.67 -21.26
C ASN B 366 29.80 -13.88 -20.41
N GLY B 367 28.89 -14.82 -20.16
CA GLY B 367 29.28 -16.06 -19.51
C GLY B 367 29.61 -15.92 -18.03
N MET B 368 30.61 -16.70 -17.60
CA MET B 368 30.88 -16.92 -16.19
C MET B 368 31.22 -15.63 -15.45
N LYS B 369 31.87 -14.68 -16.13
CA LYS B 369 32.35 -13.45 -15.52
C LYS B 369 31.26 -12.39 -15.31
N SER B 370 30.02 -12.68 -15.72
CA SER B 370 28.99 -11.67 -15.78
C SER B 370 28.83 -10.90 -14.47
N ALA B 371 28.65 -11.62 -13.37
CA ALA B 371 28.35 -10.94 -12.10
C ALA B 371 29.58 -10.21 -11.57
N VAL B 372 30.75 -10.83 -11.63
CA VAL B 372 31.94 -10.21 -11.08
C VAL B 372 32.26 -8.91 -11.83
N GLN B 373 32.17 -8.96 -13.15
CA GLN B 373 32.52 -7.81 -13.96
C GLN B 373 31.54 -6.66 -13.73
N ILE B 374 30.25 -6.97 -13.64
CA ILE B 374 29.28 -5.89 -13.64
C ILE B 374 29.20 -5.24 -12.26
N LYS B 375 29.43 -6.01 -11.20
CA LYS B 375 29.55 -5.42 -9.87
C LYS B 375 30.75 -4.49 -9.79
N ARG B 376 31.87 -4.86 -10.41
CA ARG B 376 33.06 -4.01 -10.36
C ARG B 376 32.82 -2.72 -11.12
N GLU B 377 32.23 -2.83 -12.31
CA GLU B 377 31.94 -1.65 -13.10
C GLU B 377 30.98 -0.72 -12.36
N LEU B 378 29.96 -1.28 -11.73
CA LEU B 378 29.01 -0.44 -11.01
C LEU B 378 29.69 0.24 -9.82
N ASN B 379 30.53 -0.50 -9.08
CA ASN B 379 31.21 0.09 -7.94
C ASN B 379 32.12 1.25 -8.35
N HIS B 380 32.90 1.05 -9.43
N HIS B 380 32.90 1.06 -9.43
CA HIS B 380 33.74 2.14 -9.94
CA HIS B 380 33.73 2.15 -9.94
C HIS B 380 32.88 3.33 -10.34
C HIS B 380 32.87 3.34 -10.32
N LEU B 381 31.71 3.08 -10.94
CA LEU B 381 30.86 4.17 -11.42
C LEU B 381 30.22 4.92 -10.27
N LEU B 382 29.85 4.23 -9.19
CA LEU B 382 29.31 4.95 -8.04
C LEU B 382 30.36 5.90 -7.44
N TYR B 383 31.62 5.47 -7.44
CA TYR B 383 32.73 6.33 -7.00
C TYR B 383 32.85 7.55 -7.91
N GLN B 384 32.91 7.34 -9.21
CA GLN B 384 33.14 8.43 -10.15
C GLN B 384 31.98 9.42 -10.20
N ARG B 385 30.77 8.98 -9.85
CA ARG B 385 29.59 9.82 -9.94
C ARG B 385 29.30 10.56 -8.64
N GLY B 386 30.07 10.32 -7.59
CA GLY B 386 29.88 11.04 -6.34
C GLY B 386 28.71 10.58 -5.51
N TYR B 387 28.25 9.34 -5.68
CA TYR B 387 27.21 8.78 -4.83
C TYR B 387 27.83 8.15 -3.59
N TYR B 388 27.15 8.28 -2.45
CA TYR B 388 27.61 7.59 -1.26
C TYR B 388 27.30 6.09 -1.36
N ASN B 389 26.09 5.76 -1.79
CA ASN B 389 25.71 4.37 -1.99
C ASN B 389 24.70 4.29 -3.12
N LEU B 390 24.35 3.05 -3.47
CA LEU B 390 23.43 2.81 -4.57
C LEU B 390 22.03 3.33 -4.26
N LYS B 391 21.58 3.20 -3.01
CA LYS B 391 20.26 3.71 -2.66
C LYS B 391 20.13 5.17 -3.05
N GLU B 392 21.18 5.97 -2.83
CA GLU B 392 21.13 7.39 -3.18
C GLU B 392 20.85 7.61 -4.67
N ALA B 393 21.22 6.66 -5.52
CA ALA B 393 21.07 6.84 -6.97
C ALA B 393 19.69 6.47 -7.49
N ILE B 394 18.86 5.79 -6.70
CA ILE B 394 17.58 5.29 -7.23
C ILE B 394 16.69 6.46 -7.62
N GLY B 395 16.22 6.45 -8.87
CA GLY B 395 15.31 7.47 -9.34
C GLY B 395 15.90 8.86 -9.53
N ARG B 396 17.22 9.02 -9.42
CA ARG B 396 17.80 10.35 -9.44
C ARG B 396 17.62 11.06 -10.78
N LYS B 397 17.42 10.32 -11.88
CA LYS B 397 17.13 10.97 -13.15
C LYS B 397 15.92 11.89 -13.04
N HIS B 398 15.02 11.61 -12.11
CA HIS B 398 13.82 12.42 -11.93
C HIS B 398 14.06 13.50 -10.88
C11 XE7 C . -27.10 -0.89 9.35
C11 XE7 C . -27.06 -0.83 9.24
C19 XE7 C . -25.38 -1.72 12.89
C19 XE7 C . -25.42 -1.70 12.68
C21 XE7 C . -19.68 -2.69 12.06
C21 XE7 C . -19.72 -2.60 12.31
C30 XE7 C . -19.58 -2.55 13.62
C30 XE7 C . -19.34 -2.24 13.80
C14 XE7 C . -30.38 -1.35 7.56
C14 XE7 C . -30.32 -1.52 7.51
C22 XE7 C . -18.49 -2.24 11.18
C22 XE7 C . -18.58 -2.57 11.26
N24 XE7 C . -16.98 -0.85 10.41
N24 XE7 C . -17.16 -3.16 9.66
C02 XE7 C . -22.17 -1.91 11.96
C02 XE7 C . -22.18 -1.93 11.81
C03 XE7 C . -23.23 -0.98 11.49
C03 XE7 C . -23.22 -0.94 11.38
C05 XE7 C . -24.15 0.77 10.36
C05 XE7 C . -24.09 0.88 10.27
C06 XE7 C . -25.16 0.24 11.18
C06 XE7 C . -25.13 0.33 11.05
C07 XE7 C . -26.58 0.74 11.25
C07 XE7 C . -26.55 0.87 11.09
C08 XE7 C . -27.49 0.12 10.26
C08 XE7 C . -27.47 0.19 10.13
C09 XE7 C . -28.83 0.57 10.21
C09 XE7 C . -28.83 0.59 10.10
C12 XE7 C . -28.05 -1.41 8.42
C12 XE7 C . -27.99 -1.42 8.35
C13 XE7 C . -29.35 -0.88 8.49
C13 XE7 C . -29.31 -0.94 8.41
C18 XE7 C . -24.58 -0.86 11.90
C18 XE7 C . -24.58 -0.82 11.75
C25 XE7 C . -16.72 -2.00 9.71
C25 XE7 C . -16.79 -1.87 9.96
C26 XE7 C . -15.56 -1.93 8.71
C26 XE7 C . -15.66 -1.13 9.31
C29 XE7 C . -17.68 -2.93 10.16
C29 XE7 C . -17.68 -1.47 10.97
F15 XE7 C . -30.00 -2.31 6.66
F15 XE7 C . -29.90 -2.56 6.73
F16 XE7 C . -30.96 -0.42 6.69
F16 XE7 C . -30.88 -0.68 6.52
F17 XE7 C . -31.53 -1.87 8.13
F17 XE7 C . -31.47 -2.00 8.10
N04 XE7 C . -23.00 0.04 10.57
N04 XE7 C . -22.95 0.11 10.50
N10 XE7 C . -29.72 0.09 9.34
N10 XE7 C . -29.72 0.04 9.26
N20 XE7 C . -20.83 -1.82 11.57
N20 XE7 C . -20.80 -1.67 11.84
N23 XE7 C . -18.01 -0.95 11.27
N23 XE7 C . -18.22 -3.60 10.40
N27 XE7 C . -14.95 -2.88 7.81
N27 XE7 C . -15.29 0.19 9.65
O01 XE7 C . -22.48 -2.81 12.73
O01 XE7 C . -22.57 -3.04 12.21
O28 XE7 C . -15.05 -0.82 8.68
O28 XE7 C . -15.02 -1.74 8.44
H111 XE7 C . -26.23 -1.22 9.35
H111 XE7 C . -26.18 -1.12 9.24
H191 XE7 C . -26.05 -1.23 13.40
H191 XE7 C . -26.11 -1.24 13.17
H193 XE7 C . -24.85 -2.15 13.57
H193 XE7 C . -24.91 -2.16 13.37
H192 XE7 C . -25.87 -2.45 12.49
H192 XE7 C . -25.89 -2.42 12.24
H211 XE7 C . -19.78 -3.65 11.96
H211 XE7 C . -20.02 -3.53 12.35
H302 XE7 C . -19.16 -1.73 13.92
H302 XE7 C . -18.87 -1.40 13.89
H303 XE7 C . -19.07 -3.25 14.04
H303 XE7 C . -18.78 -2.89 14.23
H301 XE7 C . -20.44 -2.56 14.07
H301 XE7 C . -20.11 -2.16 14.39
H241 XE7 C . -16.54 -0.12 10.33
H241 XE7 C . -16.78 -3.65 9.07
H051 XE7 C . -24.20 1.49 9.76
H051 XE7 C . -24.10 1.61 9.71
H072 XE7 C . -26.96 0.63 12.14
H072 XE7 C . -26.93 0.82 11.98
H071 XE7 C . -26.63 1.71 11.16
H071 XE7 C . -26.58 1.83 10.93
H091 XE7 C . -29.12 1.23 10.79
H091 XE7 C . -29.14 1.25 10.66
H121 XE7 C . -27.84 -2.07 7.81
H121 XE7 C . -27.75 -2.08 7.75
H291 XE7 C . -17.80 -3.81 9.87
H291 XE7 C . -17.71 -0.64 11.39
H041 XE7 C . -22.25 0.20 10.19
H041 XE7 C . -22.19 0.26 10.13
H201 XE7 C . -20.60 -1.22 11.01
H201 XE7 C . -20.52 -0.91 11.57
H271 XE7 C . -14.27 -2.73 7.27
H271 XE7 C . -14.67 0.62 9.30
H272 XE7 C . -15.23 -3.73 7.75
H272 XE7 C . -15.70 0.66 10.24
N1 FMN D . -10.32 6.21 13.82
C2 FMN D . -9.40 6.76 12.96
O2 FMN D . -8.81 7.79 13.27
N3 FMN D . -9.13 6.16 11.75
C4 FMN D . -9.78 5.00 11.38
O4 FMN D . -9.51 4.51 10.30
C4A FMN D . -10.71 4.43 12.25
N5 FMN D . -11.39 3.25 11.92
C5A FMN D . -12.32 2.72 12.80
C6 FMN D . -13.02 1.55 12.47
C7 FMN D . -13.96 1.01 13.36
C7M FMN D . -14.69 -0.26 13.00
C8 FMN D . -14.21 1.66 14.57
C8M FMN D . -15.20 1.12 15.57
C9 FMN D . -13.52 2.83 14.88
C9A FMN D . -12.58 3.37 14.01
N10 FMN D . -11.91 4.54 14.34
C10 FMN D . -10.98 5.06 13.47
C1' FMN D . -12.14 5.24 15.65
C2' FMN D . -13.41 6.09 15.62
O2' FMN D . -13.22 7.11 14.65
C3' FMN D . -13.71 6.72 16.97
O3' FMN D . -12.65 7.57 17.31
C4' FMN D . -13.91 5.68 18.07
O4' FMN D . -14.63 4.59 17.54
C5' FMN D . -14.60 6.26 19.30
O5' FMN D . -15.83 6.87 18.99
P FMN D . -17.19 6.13 19.40
O1P FMN D . -17.38 4.89 18.55
O2P FMN D . -18.31 7.11 19.16
O3P FMN D . -17.06 5.69 20.85
HN3 FMN D . -8.44 6.59 11.11
H6 FMN D . -12.83 1.06 11.52
HM71 FMN D . -15.01 -0.77 13.91
HM72 FMN D . -15.58 -0.01 12.41
HM73 FMN D . -14.04 -0.90 12.41
HM81 FMN D . -15.31 1.83 16.38
HM82 FMN D . -16.17 0.98 15.07
HM83 FMN D . -14.85 0.16 15.95
H9 FMN D . -13.72 3.32 15.83
H1'1 FMN D . -11.29 5.88 15.87
H1'2 FMN D . -12.22 4.51 16.44
H2' FMN D . -14.24 5.45 15.36
HO2' FMN D . -14.08 7.56 14.49
H3' FMN D . -14.66 7.27 16.88
H4' FMN D . -12.93 5.34 18.40
HO4' FMN D . -15.49 4.52 18.00
H5'1 FMN D . -13.94 6.99 19.76
H5'2 FMN D . -14.77 5.46 20.02
N1 ORO E . -9.16 1.32 14.20
C2 ORO E . -9.31 2.19 15.22
O2 ORO E . -9.99 1.93 16.15
N3 ORO E . -8.68 3.38 15.16
C4 ORO E . -7.91 3.70 14.13
O4 ORO E . -7.35 4.75 14.09
C5 ORO E . -7.76 2.82 13.11
C6 ORO E . -8.40 1.63 13.16
C7 ORO E . -8.23 0.61 12.05
O71 ORO E . -8.43 0.87 10.84
O72 ORO E . -7.84 -0.52 12.43
HN1 ORO E . -9.55 0.55 14.22
HN3 ORO E . -8.77 3.94 15.81
H5 ORO E . -7.21 3.04 12.39
C11 XE7 F . 27.50 -21.82 -21.91
C11 XE7 F . 27.46 -21.85 -21.77
C19 XE7 F . 25.88 -19.05 -24.55
C19 XE7 F . 25.96 -19.17 -24.45
C21 XE7 F . 20.17 -20.06 -25.14
C21 XE7 F . 20.22 -19.84 -25.26
C30 XE7 F . 20.06 -18.61 -25.72
C30 XE7 F . 19.81 -18.34 -25.56
C14 XE7 F . 30.74 -23.60 -21.51
C14 XE7 F . 30.74 -23.70 -21.60
C22 XE7 F . 18.96 -20.54 -24.34
C22 XE7 F . 19.10 -20.80 -24.74
N24 XE7 F . 17.36 -20.45 -22.83
N24 XE7 F . 17.79 -22.56 -24.45
C02 XE7 F . 22.67 -19.94 -24.39
C02 XE7 F . 22.71 -19.94 -24.37
C03 XE7 F . 23.72 -19.92 -23.31
C03 XE7 F . 23.72 -19.89 -23.24
C05 XE7 F . 24.55 -20.10 -21.18
C05 XE7 F . 24.48 -20.00 -21.08
C06 XE7 F . 25.61 -19.64 -21.99
C06 XE7 F . 25.59 -19.62 -21.87
C07 XE7 F . 27.02 -19.36 -21.46
C07 XE7 F . 27.00 -19.37 -21.31
C08 XE7 F . 27.92 -20.53 -21.51
C08 XE7 F . 27.91 -20.56 -21.40
C09 XE7 F . 29.27 -20.35 -21.15
C09 XE7 F . 29.28 -20.39 -21.13
C12 XE7 F . 28.43 -22.88 -21.92
C12 XE7 F . 28.39 -22.92 -21.84
C13 XE7 F . 29.73 -22.57 -21.53
C13 XE7 F . 29.73 -22.63 -21.54
C18 XE7 F . 25.10 -19.53 -23.34
C18 XE7 F . 25.11 -19.55 -23.24
C25 XE7 F . 17.19 -21.69 -23.41
C25 XE7 F . 17.29 -21.64 -23.56
C26 XE7 F . 16.10 -22.58 -23.00
C26 XE7 F . 16.13 -21.84 -22.65
C29 XE7 F . 18.20 -21.79 -24.39
C29 XE7 F . 18.12 -20.51 -23.72
F15 XE7 F . 30.37 -24.86 -21.91
F15 XE7 F . 30.29 -24.96 -21.90
F16 XE7 F . 31.33 -23.89 -20.27
F16 XE7 F . 31.44 -23.97 -20.41
F17 XE7 F . 31.86 -23.33 -22.28
F17 XE7 F . 31.78 -23.51 -22.48
N04 XE7 F . 23.43 -20.24 -21.98
N04 XE7 F . 23.38 -20.14 -21.91
N10 XE7 F . 30.14 -21.34 -21.15
N10 XE7 F . 30.16 -21.40 -21.19
N20 XE7 F . 21.30 -20.11 -24.15
N20 XE7 F . 21.31 -19.82 -24.19
N23 XE7 F . 18.41 -19.76 -23.35
N23 XE7 F . 18.88 -22.10 -25.16
N27 XE7 F . 15.92 -23.94 -23.34
N27 XE7 F . 15.81 -21.00 -21.56
O01 XE7 F . 23.04 -19.75 -25.56
O01 XE7 F . 23.14 -20.09 -25.51
O28 XE7 F . 15.26 -22.04 -22.26
O28 XE7 F . 15.40 -22.82 -22.88
H111 XE7 F . 26.62 -21.97 -22.16
H111 XE7 F . 26.57 -22.00 -21.97
H191 XE7 F . 25.63 -19.46 -25.39
H191 XE7 F . 25.68 -19.57 -25.29
H193 XE7 F . 26.84 -19.20 -24.50
H193 XE7 F . 26.91 -19.41 -24.39
H192 XE7 F . 25.82 -18.09 -24.74
H192 XE7 F . 25.99 -18.22 -24.65
H211 XE7 F . 20.31 -20.62 -25.93
H211 XE7 F . 20.51 -20.17 -26.12
H302 XE7 F . 19.40 -18.51 -26.43
H302 XE7 F . 19.19 -18.24 -26.29
H303 XE7 F . 20.87 -18.27 -26.12
H303 XE7 F . 20.55 -17.76 -25.78
H301 XE7 F . 19.82 -17.94 -25.06
H301 XE7 F . 19.36 -17.90 -24.82
H241 XE7 F . 16.88 -20.14 -22.21
H241 XE7 F . 17.47 -23.35 -24.57
H051 XE7 F . 24.55 -20.28 -20.27
H051 XE7 F . 24.45 -20.14 -20.16
H072 XE7 F . 27.44 -18.62 -21.93
H072 XE7 F . 27.43 -18.61 -21.72
H071 XE7 F . 27.00 -19.01 -20.56
H071 XE7 F . 26.98 -19.07 -20.38
H091 XE7 F . 29.58 -19.51 -20.88
H091 XE7 F . 29.63 -19.55 -20.89
H121 XE7 F . 28.19 -23.75 -22.18
H121 XE7 F . 28.12 -23.79 -22.08
H291 XE7 F . 18.38 -22.50 -24.96
H291 XE7 F . 18.06 -19.71 -23.25
H041 XE7 F . 22.66 -20.49 -21.70
H041 XE7 F . 22.60 -20.35 -21.63
H201 XE7 F . 21.04 -20.26 -23.35
H201 XE7 F . 21.00 -19.74 -23.39
H271 XE7 F . 16.44 -24.40 -23.84
H271 XE7 F . 16.26 -20.30 -21.33
H272 XE7 F . 15.26 -24.41 -23.06
H272 XE7 F . 15.17 -21.12 -21.05
N1 FMN G . 10.60 -14.28 -18.42
C2 FMN G . 9.66 -14.79 -17.57
O2 FMN G . 9.04 -14.04 -16.83
N3 FMN G . 9.38 -16.14 -17.52
C4 FMN G . 10.05 -17.02 -18.32
O4 FMN G . 9.79 -18.23 -18.27
C4A FMN G . 11.01 -16.51 -19.20
N5 FMN G . 11.70 -17.37 -20.02
C5A FMN G . 12.66 -16.85 -20.88
C6 FMN G . 13.37 -17.72 -21.72
C7 FMN G . 14.34 -17.22 -22.61
C7M FMN G . 15.11 -18.16 -23.49
C8 FMN G . 14.62 -15.85 -22.63
C8M FMN G . 15.65 -15.24 -23.55
C9 FMN G . 13.90 -15.00 -21.79
C9A FMN G . 12.93 -15.49 -20.92
N10 FMN G . 12.23 -14.61 -20.10
C10 FMN G . 11.29 -15.14 -19.24
C1' FMN G . 12.48 -13.12 -20.10
C2' FMN G . 13.74 -12.80 -19.29
O2' FMN G . 13.53 -13.15 -17.93
C3' FMN G . 14.13 -11.33 -19.32
O3' FMN G . 13.12 -10.54 -18.73
C4' FMN G . 14.40 -10.82 -20.73
O4' FMN G . 15.23 -11.76 -21.37
C5' FMN G . 15.04 -9.44 -20.78
O5' FMN G . 16.25 -9.43 -20.08
P FMN G . 17.64 -9.45 -20.87
O1P FMN G . 17.88 -10.83 -21.45
O2P FMN G . 18.78 -9.22 -19.91
O3P FMN G . 17.55 -8.37 -21.93
HN3 FMN G . 8.66 -16.50 -16.86
H6 FMN G . 13.18 -18.79 -21.69
HM71 FMN G . 16.12 -17.77 -23.64
HM72 FMN G . 14.60 -18.23 -24.46
HM73 FMN G . 15.15 -19.14 -23.03
HM81 FMN G . 15.67 -14.17 -23.40
HM82 FMN G . 16.63 -15.66 -23.31
HM83 FMN G . 15.39 -15.47 -24.58
H9 FMN G . 14.11 -13.93 -21.81
H1'1 FMN G . 11.63 -12.60 -19.66
H1'2 FMN G . 12.60 -12.77 -21.12
H2' FMN G . 14.53 -13.37 -19.77
HO2' FMN G . 13.49 -12.34 -17.40
H3' FMN G . 15.06 -11.24 -18.75
H4' FMN G . 13.44 -10.73 -21.23
HO4' FMN G . 16.07 -11.32 -21.64
H5'1 FMN G . 15.22 -9.16 -21.82
H5'2 FMN G . 14.36 -8.71 -20.35
N1 ORO H . 9.59 -16.08 -22.86
C2 ORO H . 9.71 -14.77 -22.53
O2 ORO H . 10.38 -14.03 -23.16
N3 ORO H . 9.06 -14.30 -21.45
C4 ORO H . 8.30 -15.10 -20.73
O4 ORO H . 7.72 -14.66 -19.78
C5 ORO H . 8.17 -16.40 -21.05
C6 ORO H . 8.83 -16.89 -22.13
C7 ORO H . 8.66 -18.36 -22.51
O71 ORO H . 8.25 -18.61 -23.67
O72 ORO H . 8.94 -19.29 -21.70
HN1 ORO H . 10.00 -16.39 -23.54
HN3 ORO H . 9.14 -13.47 -21.24
H5 ORO H . 7.62 -16.97 -20.54
#